data_4EC6
#
_entry.id   4EC6
#
_cell.length_a   39.210
_cell.length_b   54.980
_cell.length_c   93.470
_cell.angle_alpha   89.91
_cell.angle_beta   86.44
_cell.angle_gamma   78.63
#
_symmetry.space_group_name_H-M   'P 1'
#
loop_
_entity.id
_entity.type
_entity.pdbx_description
1 polymer 'Putative uncharacterized protein'
2 water water
#
_entity_poly.entity_id   1
_entity_poly.type   'polypeptide(L)'
_entity_poly.pdbx_seq_one_letter_code
;(MSE)KHHHHHHHSDYDIPTTENLYFQGSGSTQLQSVKKESELLEEQIERVKETDISQSKIDTFGRYFLTYYFSQEKNQE
NYQSSLRTYVSEKVDISDWKALGKTLKSVNYYGSEQTKKGYSVEYLLNVSVDNRSK(MSE)QKITFEVEPTKNGFLVTTQ
PKLTDFSFN
;
_entity_poly.pdbx_strand_id   A,B,C,D,E,F
#
# COMPACT_ATOMS: atom_id res chain seq x y z
N SER A 53 8.36 0.14 38.27
CA SER A 53 8.27 0.69 36.86
C SER A 53 8.29 -0.32 35.68
N GLN A 54 7.48 0.00 34.66
CA GLN A 54 7.47 -0.66 33.35
C GLN A 54 8.81 -0.35 32.69
N SER A 55 9.17 0.92 32.74
CA SER A 55 10.47 1.43 32.38
C SER A 55 11.65 0.63 32.86
N LYS A 56 11.62 0.31 34.15
CA LYS A 56 12.71 -0.37 34.76
C LYS A 56 12.81 -1.81 34.32
N ILE A 57 11.70 -2.54 34.18
CA ILE A 57 11.81 -3.94 33.70
C ILE A 57 12.36 -3.94 32.29
N ASP A 58 11.82 -3.04 31.48
CA ASP A 58 12.23 -2.87 30.09
C ASP A 58 13.73 -2.69 29.96
N THR A 59 14.29 -1.72 30.68
CA THR A 59 15.72 -1.44 30.67
C THR A 59 16.52 -2.62 31.18
N PHE A 60 16.10 -3.19 32.29
CA PHE A 60 16.77 -4.39 32.77
C PHE A 60 16.84 -5.46 31.66
N GLY A 61 15.71 -5.71 31.02
CA GLY A 61 15.67 -6.72 29.99
C GLY A 61 16.64 -6.40 28.87
N ARG A 62 16.82 -5.11 28.56
CA ARG A 62 17.74 -4.76 27.48
C ARG A 62 19.16 -5.11 27.83
N TYR A 63 19.53 -4.82 29.09
CA TYR A 63 20.88 -5.08 29.54
C TYR A 63 21.16 -6.58 29.51
N PHE A 64 20.24 -7.36 30.07
CA PHE A 64 20.32 -8.81 29.93
C PHE A 64 20.45 -9.24 28.47
N LEU A 65 19.66 -8.69 27.54
CA LEU A 65 19.75 -9.15 26.14
C LEU A 65 21.14 -8.94 25.49
N THR A 66 21.79 -7.85 25.86
CA THR A 66 23.13 -7.58 25.47
C THR A 66 24.08 -8.74 25.86
N TYR A 67 23.97 -9.27 27.07
CA TYR A 67 24.83 -10.37 27.46
C TYR A 67 24.34 -11.73 26.92
N TYR A 68 23.05 -11.93 26.91
CA TYR A 68 22.49 -13.12 26.38
C TYR A 68 22.80 -13.27 24.93
N PHE A 69 22.82 -12.16 24.17
CA PHE A 69 23.14 -12.27 22.74
C PHE A 69 24.64 -12.08 22.43
N SER A 70 25.47 -12.04 23.46
CA SER A 70 26.88 -11.93 23.27
C SER A 70 27.37 -13.12 22.43
N GLN A 71 28.38 -12.87 21.63
CA GLN A 71 28.90 -13.95 20.84
C GLN A 71 30.12 -14.69 21.36
N GLU A 72 30.62 -14.32 22.55
CA GLU A 72 31.60 -15.07 23.33
C GLU A 72 31.58 -16.61 23.17
N LYS A 73 32.63 -17.13 22.57
CA LYS A 73 32.62 -18.50 22.15
C LYS A 73 33.04 -19.44 23.30
N ASN A 74 33.76 -18.91 24.28
CA ASN A 74 34.06 -19.63 25.51
C ASN A 74 32.80 -19.75 26.41
N GLN A 75 32.23 -20.93 26.49
CA GLN A 75 31.04 -21.18 27.29
C GLN A 75 31.10 -20.72 28.77
N GLU A 76 32.23 -20.91 29.45
CA GLU A 76 32.33 -20.42 30.83
C GLU A 76 32.25 -18.89 30.91
N ASN A 77 32.91 -18.20 30.01
CA ASN A 77 32.84 -16.74 30.04
C ASN A 77 31.46 -16.19 29.62
N TYR A 78 30.77 -16.89 28.71
CA TYR A 78 29.49 -16.45 28.21
C TYR A 78 28.50 -16.54 29.40
N GLN A 79 28.56 -17.67 30.07
CA GLN A 79 27.81 -17.82 31.28
C GLN A 79 28.18 -16.87 32.38
N SER A 80 29.46 -16.57 32.58
CA SER A 80 29.81 -15.65 33.68
C SER A 80 29.30 -14.28 33.46
N SER A 81 29.40 -13.81 32.22
CA SER A 81 29.03 -12.44 31.95
C SER A 81 27.51 -12.22 32.03
N LEU A 82 26.72 -13.29 32.00
CA LEU A 82 25.30 -13.13 32.20
C LEU A 82 24.77 -13.61 33.55
N ARG A 83 25.66 -14.19 34.37
CA ARG A 83 25.33 -14.76 35.67
C ARG A 83 24.51 -13.86 36.58
N THR A 84 24.90 -12.58 36.71
CA THR A 84 24.24 -11.66 37.65
C THR A 84 22.85 -11.33 37.26
N TYR A 85 22.53 -11.41 35.96
CA TYR A 85 21.16 -11.18 35.46
C TYR A 85 20.21 -12.32 35.68
N VAL A 86 20.75 -13.53 35.77
CA VAL A 86 19.87 -14.70 35.96
C VAL A 86 19.77 -15.24 37.38
N SER A 87 18.56 -15.50 37.84
CA SER A 87 18.37 -16.17 39.11
C SER A 87 19.20 -17.46 39.17
N GLU A 88 19.80 -17.70 40.34
CA GLU A 88 20.52 -18.95 40.63
C GLU A 88 19.63 -20.17 40.50
N LYS A 89 18.32 -19.99 40.55
CA LYS A 89 17.43 -21.13 40.42
C LYS A 89 17.28 -21.59 38.99
N VAL A 90 17.80 -20.86 38.02
CA VAL A 90 17.73 -21.31 36.65
C VAL A 90 19.04 -22.03 36.34
N ASP A 91 18.94 -23.17 35.63
CA ASP A 91 20.12 -23.94 35.24
C ASP A 91 20.69 -23.27 33.99
N ILE A 92 21.83 -22.60 34.12
CA ILE A 92 22.45 -21.94 32.96
C ILE A 92 23.70 -22.69 32.53
N SER A 93 23.94 -23.84 33.13
CA SER A 93 25.16 -24.64 32.81
C SER A 93 25.29 -25.04 31.32
N ASP A 94 24.17 -25.21 30.61
CA ASP A 94 24.19 -25.51 29.15
C ASP A 94 23.96 -24.32 28.15
N TRP A 95 23.85 -23.08 28.62
CA TRP A 95 23.61 -21.97 27.71
C TRP A 95 24.89 -21.71 26.99
N LYS A 96 24.84 -21.61 25.67
CA LYS A 96 26.01 -21.19 24.89
C LYS A 96 25.65 -19.96 24.04
N ALA A 97 26.69 -19.30 23.54
CA ALA A 97 26.51 -18.21 22.59
C ALA A 97 25.63 -18.78 21.49
N LEU A 98 24.66 -18.00 21.02
CA LEU A 98 23.69 -18.52 20.07
C LEU A 98 24.11 -18.31 18.62
N GLY A 99 25.25 -17.63 18.38
CA GLY A 99 25.71 -17.36 17.02
C GLY A 99 24.85 -16.37 16.20
N LYS A 100 24.14 -15.48 16.89
CA LYS A 100 23.20 -14.54 16.31
C LYS A 100 23.59 -13.14 16.74
N THR A 101 23.51 -12.20 15.83
CA THR A 101 23.92 -10.83 16.05
C THR A 101 22.71 -9.93 16.23
N LEU A 102 22.75 -9.12 17.26
CA LEU A 102 21.57 -8.43 17.67
C LEU A 102 21.67 -7.07 17.02
N LYS A 103 20.75 -6.76 16.09
CA LYS A 103 20.81 -5.48 15.35
C LYS A 103 19.95 -4.41 15.99
N SER A 104 18.87 -4.82 16.64
CA SER A 104 17.98 -3.88 17.31
C SER A 104 17.07 -4.57 18.31
N VAL A 105 16.66 -3.79 19.31
CA VAL A 105 15.83 -4.28 20.36
C VAL A 105 14.73 -3.30 20.64
N ASN A 106 13.48 -3.74 20.60
CA ASN A 106 12.37 -2.90 21.00
C ASN A 106 11.55 -3.61 22.02
N TYR A 107 11.25 -2.93 23.11
CA TYR A 107 10.39 -3.49 24.15
C TYR A 107 9.00 -3.72 23.64
N TYR A 108 8.40 -4.87 23.95
CA TYR A 108 7.10 -5.24 23.40
C TYR A 108 6.08 -5.53 24.51
N GLY A 109 6.36 -5.11 25.73
CA GLY A 109 5.38 -5.15 26.80
C GLY A 109 5.54 -6.33 27.73
N SER A 110 4.77 -6.29 28.80
CA SER A 110 4.84 -7.31 29.81
C SER A 110 3.47 -7.75 30.21
N GLU A 111 3.43 -8.80 31.01
CA GLU A 111 2.25 -9.50 31.37
C GLU A 111 2.59 -9.97 32.76
N GLN A 112 1.76 -9.58 33.72
CA GLN A 112 2.01 -9.98 35.08
C GLN A 112 1.90 -11.51 35.26
N THR A 113 2.83 -12.08 36.03
CA THR A 113 2.78 -13.49 36.44
C THR A 113 2.65 -13.52 37.97
N LYS A 114 2.59 -14.72 38.52
CA LYS A 114 2.41 -14.91 39.95
C LYS A 114 3.46 -14.19 40.79
N LYS A 115 4.73 -14.22 40.37
CA LYS A 115 5.76 -13.52 41.16
C LYS A 115 6.55 -12.49 40.38
N GLY A 116 6.18 -12.29 39.12
CA GLY A 116 6.87 -11.29 38.37
C GLY A 116 6.15 -10.85 37.13
N TYR A 117 6.93 -10.80 36.06
CA TYR A 117 6.43 -10.36 34.80
C TYR A 117 7.02 -11.19 33.72
N SER A 118 6.20 -11.54 32.75
CA SER A 118 6.68 -12.08 31.50
C SER A 118 6.90 -10.88 30.55
N VAL A 119 8.13 -10.72 30.04
CA VAL A 119 8.42 -9.59 29.17
C VAL A 119 8.66 -10.04 27.73
N GLU A 120 8.30 -9.22 26.77
CA GLU A 120 8.64 -9.53 25.37
C GLU A 120 9.38 -8.42 24.72
N TYR A 121 10.27 -8.77 23.79
CA TYR A 121 10.94 -7.82 22.91
C TYR A 121 10.86 -8.27 21.46
N LEU A 122 10.81 -7.31 20.54
CA LEU A 122 11.01 -7.60 19.12
C LEU A 122 12.45 -7.34 18.76
N LEU A 123 13.08 -8.26 18.04
CA LEU A 123 14.48 -8.14 17.70
C LEU A 123 14.69 -8.23 16.20
N ASN A 124 15.70 -7.54 15.71
CA ASN A 124 16.22 -7.88 14.41
C ASN A 124 17.49 -8.64 14.74
N VAL A 125 17.52 -9.92 14.43
CA VAL A 125 18.79 -10.67 14.49
C VAL A 125 19.34 -10.96 13.09
N SER A 126 20.63 -11.16 13.07
CA SER A 126 21.37 -11.35 11.83
C SER A 126 22.18 -12.64 12.00
N VAL A 127 22.09 -13.52 11.01
CA VAL A 127 22.79 -14.79 11.09
C VAL A 127 23.94 -14.94 10.09
N ASP A 128 23.71 -14.61 8.83
CA ASP A 128 24.74 -14.73 7.80
C ASP A 128 24.98 -13.40 7.14
N ASN A 129 24.41 -12.35 7.71
CA ASN A 129 24.00 -11.13 6.98
C ASN A 129 22.59 -11.26 6.37
N ARG A 130 21.94 -12.38 6.72
CA ARG A 130 20.50 -12.62 6.53
C ARG A 130 19.79 -12.17 7.82
N SER A 131 19.06 -11.08 7.71
CA SER A 131 18.36 -10.49 8.84
C SER A 131 16.91 -10.98 8.94
N LYS A 132 16.38 -11.08 10.15
CA LYS A 132 14.95 -11.39 10.30
C LYS A 132 14.43 -10.89 11.63
N GLN A 134 12.53 -11.29 15.03
CA GLN A 134 12.16 -12.29 16.02
C GLN A 134 11.53 -11.65 17.25
N LYS A 135 10.75 -12.45 17.95
CA LYS A 135 10.31 -12.11 19.29
C LYS A 135 11.00 -12.99 20.35
N ILE A 136 11.35 -12.37 21.47
CA ILE A 136 11.93 -13.06 22.59
C ILE A 136 11.09 -12.77 23.85
N THR A 137 10.79 -13.85 24.58
CA THR A 137 9.97 -13.86 25.78
C THR A 137 10.80 -14.52 26.92
N PHE A 138 10.73 -13.95 28.11
CA PHE A 138 11.31 -14.54 29.28
C PHE A 138 10.67 -13.91 30.53
N GLU A 139 10.75 -14.57 31.66
CA GLU A 139 10.21 -13.95 32.89
C GLU A 139 11.25 -13.30 33.78
N VAL A 140 10.81 -12.44 34.66
CA VAL A 140 11.67 -11.53 35.42
C VAL A 140 11.00 -11.34 36.77
N GLU A 141 11.75 -11.32 37.86
CA GLU A 141 11.18 -11.16 39.19
C GLU A 141 11.96 -10.09 39.92
N PRO A 142 11.26 -9.31 40.76
CA PRO A 142 12.01 -8.26 41.42
C PRO A 142 12.80 -8.87 42.56
N THR A 143 13.86 -8.20 42.95
CA THR A 143 14.64 -8.58 44.11
C THR A 143 14.64 -7.32 44.93
N LYS A 144 14.95 -7.39 46.22
CA LYS A 144 14.74 -6.17 47.03
C LYS A 144 15.48 -5.01 46.36
N ASN A 145 16.62 -5.35 45.76
CA ASN A 145 17.56 -4.42 45.15
C ASN A 145 17.36 -4.12 43.67
N GLY A 146 16.71 -5.04 42.92
CA GLY A 146 16.54 -4.95 41.46
C GLY A 146 15.69 -6.06 40.81
N PHE A 147 16.33 -6.86 39.95
CA PHE A 147 15.60 -7.83 39.10
C PHE A 147 16.41 -9.04 38.78
N LEU A 148 15.74 -10.17 38.54
CA LEU A 148 16.42 -11.33 38.00
C LEU A 148 15.55 -11.99 36.92
N VAL A 149 16.18 -12.51 35.86
CA VAL A 149 15.53 -13.36 34.87
C VAL A 149 15.29 -14.74 35.54
N THR A 150 14.12 -15.35 35.31
CA THR A 150 13.77 -16.58 35.95
C THR A 150 13.34 -17.71 35.00
N THR A 151 13.35 -17.51 33.70
CA THR A 151 13.12 -18.63 32.76
C THR A 151 14.16 -18.51 31.66
N GLN A 152 14.37 -19.58 30.90
CA GLN A 152 15.28 -19.46 29.78
C GLN A 152 14.50 -18.74 28.65
N PRO A 153 15.08 -17.71 28.00
CA PRO A 153 14.32 -16.95 27.00
C PRO A 153 13.84 -17.82 25.84
N LYS A 154 12.59 -17.66 25.40
CA LYS A 154 12.08 -18.26 24.13
C LYS A 154 12.17 -17.29 22.97
N LEU A 155 12.79 -17.77 21.92
CA LEU A 155 12.97 -17.00 20.72
C LEU A 155 12.03 -17.59 19.69
N THR A 156 11.21 -16.79 19.00
CA THR A 156 10.29 -17.33 18.01
C THR A 156 10.20 -16.38 16.85
N ASP A 157 9.82 -16.91 15.67
CA ASP A 157 9.66 -16.06 14.47
C ASP A 157 8.46 -15.15 14.66
N PHE A 158 8.46 -13.99 14.03
CA PHE A 158 7.45 -13.02 14.28
C PHE A 158 7.17 -12.21 13.04
N SER A 159 5.93 -11.75 12.92
CA SER A 159 5.63 -10.65 12.00
C SER A 159 4.33 -9.98 12.44
N PHE A 160 4.07 -8.80 11.89
CA PHE A 160 2.90 -7.97 12.24
C PHE A 160 1.58 -8.39 11.59
N ASN A 161 1.67 -9.28 10.62
CA ASN A 161 0.55 -9.62 9.72
C ASN A 161 -0.53 -10.50 10.34
N SER B 53 -0.40 -3.45 23.69
CA SER B 53 0.25 -2.55 24.67
C SER B 53 0.51 -1.14 24.05
N GLN B 54 0.80 -0.18 24.93
CA GLN B 54 1.41 1.08 24.56
C GLN B 54 2.76 0.75 23.88
N SER B 55 3.44 -0.26 24.42
CA SER B 55 4.66 -0.73 23.89
C SER B 55 4.50 -1.31 22.50
N LYS B 56 3.45 -2.08 22.27
CA LYS B 56 3.26 -2.74 21.01
C LYS B 56 2.94 -1.76 19.90
N ILE B 57 2.13 -0.74 20.17
CA ILE B 57 1.86 0.27 19.17
C ILE B 57 3.15 1.03 18.88
N ASP B 58 3.86 1.38 19.95
CA ASP B 58 5.14 2.06 19.85
C ASP B 58 6.11 1.36 18.88
N THR B 59 6.35 0.07 19.16
CA THR B 59 7.23 -0.74 18.39
C THR B 59 6.73 -0.83 16.94
N PHE B 60 5.43 -1.04 16.75
CA PHE B 60 4.88 -1.16 15.41
C PHE B 60 5.19 0.12 14.60
N GLY B 61 4.88 1.26 15.22
CA GLY B 61 5.18 2.55 14.59
C GLY B 61 6.65 2.69 14.19
N ARG B 62 7.57 2.17 15.01
CA ARG B 62 9.00 2.35 14.72
C ARG B 62 9.35 1.58 13.46
N TYR B 63 8.75 0.40 13.38
CA TYR B 63 9.00 -0.45 12.23
C TYR B 63 8.50 0.21 10.95
N PHE B 64 7.25 0.65 11.00
CA PHE B 64 6.65 1.35 9.87
C PHE B 64 7.50 2.53 9.49
N LEU B 65 8.03 3.29 10.48
CA LEU B 65 8.79 4.51 10.15
C LEU B 65 10.05 4.23 9.36
N THR B 66 10.70 3.11 9.67
CA THR B 66 11.88 2.68 8.99
C THR B 66 11.61 2.58 7.49
N TYR B 67 10.46 2.03 7.11
CA TYR B 67 10.06 1.91 5.72
C TYR B 67 9.51 3.21 5.16
N TYR B 68 8.68 3.89 5.94
CA TYR B 68 8.18 5.19 5.51
C TYR B 68 9.31 6.12 5.14
N PHE B 69 10.38 6.09 5.93
CA PHE B 69 11.47 7.02 5.66
C PHE B 69 12.58 6.45 4.78
N SER B 70 12.35 5.29 4.21
CA SER B 70 13.33 4.69 3.37
C SER B 70 13.63 5.60 2.18
N GLN B 71 14.87 5.53 1.70
CA GLN B 71 15.21 6.39 0.55
C GLN B 71 15.13 5.75 -0.85
N GLU B 72 14.48 4.60 -0.95
CA GLU B 72 14.27 3.91 -2.22
C GLU B 72 13.75 4.87 -3.30
N LYS B 73 14.51 5.01 -4.37
CA LYS B 73 14.20 5.98 -5.40
C LYS B 73 13.11 5.45 -6.36
N ASN B 74 12.99 4.12 -6.48
CA ASN B 74 11.89 3.56 -7.26
C ASN B 74 10.59 3.61 -6.49
N GLN B 75 9.63 4.41 -6.95
CA GLN B 75 8.42 4.55 -6.16
C GLN B 75 7.60 3.27 -6.01
N GLU B 76 7.77 2.32 -6.92
CA GLU B 76 7.04 1.07 -6.79
C GLU B 76 7.54 0.24 -5.62
N ASN B 77 8.83 0.07 -5.54
CA ASN B 77 9.39 -0.75 -4.49
C ASN B 77 9.25 -0.08 -3.15
N TYR B 78 9.25 1.25 -3.13
CA TYR B 78 9.09 2.03 -1.92
C TYR B 78 7.73 1.70 -1.36
N GLN B 79 6.71 1.73 -2.22
CA GLN B 79 5.36 1.45 -1.80
C GLN B 79 5.20 0.02 -1.40
N SER B 80 5.76 -0.89 -2.19
CA SER B 80 5.57 -2.25 -1.77
C SER B 80 6.36 -2.63 -0.49
N SER B 81 7.49 -2.00 -0.21
CA SER B 81 8.14 -2.29 1.07
C SER B 81 7.35 -1.79 2.30
N LEU B 82 6.35 -0.93 2.12
CA LEU B 82 5.55 -0.48 3.24
C LEU B 82 4.10 -0.93 3.27
N ARG B 83 3.72 -1.66 2.22
CA ARG B 83 2.39 -2.13 2.00
C ARG B 83 1.81 -2.89 3.20
N THR B 84 2.60 -3.77 3.83
CA THR B 84 2.07 -4.62 4.88
C THR B 84 1.71 -3.82 6.14
N TYR B 85 2.30 -2.62 6.27
CA TYR B 85 2.08 -1.75 7.44
C TYR B 85 0.83 -0.92 7.30
N VAL B 86 0.45 -0.66 6.07
CA VAL B 86 -0.65 0.29 5.79
C VAL B 86 -1.94 -0.39 5.34
N SER B 87 -3.04 -0.04 5.99
CA SER B 87 -4.34 -0.57 5.64
C SER B 87 -4.66 -0.36 4.16
N GLU B 88 -5.24 -1.38 3.53
CA GLU B 88 -5.77 -1.36 2.17
C GLU B 88 -6.75 -0.22 1.90
N LYS B 89 -7.41 0.28 2.96
CA LYS B 89 -8.32 1.43 2.90
C LYS B 89 -7.59 2.71 2.51
N VAL B 90 -6.26 2.70 2.59
CA VAL B 90 -5.46 3.88 2.31
C VAL B 90 -4.76 3.77 0.95
N ASP B 91 -4.76 4.86 0.20
CA ASP B 91 -4.25 4.73 -1.15
C ASP B 91 -2.85 5.32 -1.11
N ILE B 92 -1.85 4.47 -1.34
CA ILE B 92 -0.46 4.82 -1.20
C ILE B 92 0.18 5.03 -2.55
N SER B 93 -0.61 5.23 -3.60
CA SER B 93 0.01 5.23 -4.92
C SER B 93 0.80 6.52 -5.20
N ASP B 94 0.49 7.60 -4.50
CA ASP B 94 1.32 8.81 -4.57
C ASP B 94 2.36 8.96 -3.47
N TRP B 95 2.46 8.01 -2.54
CA TRP B 95 3.55 8.08 -1.55
C TRP B 95 4.83 7.82 -2.23
N LYS B 96 5.81 8.69 -2.05
CA LYS B 96 7.15 8.33 -2.47
C LYS B 96 8.18 8.70 -1.45
N ALA B 97 9.39 8.20 -1.67
CA ALA B 97 10.56 8.51 -0.85
C ALA B 97 10.62 9.99 -0.62
N LEU B 98 10.96 10.35 0.62
CA LEU B 98 10.84 11.73 1.07
C LEU B 98 12.16 12.48 1.02
N GLY B 99 13.24 11.82 0.64
CA GLY B 99 14.55 12.45 0.58
C GLY B 99 15.13 12.82 1.94
N LYS B 100 14.61 12.26 3.03
CA LYS B 100 15.06 12.66 4.35
C LYS B 100 15.75 11.45 5.04
N THR B 101 16.79 11.67 5.83
CA THR B 101 17.39 10.56 6.59
C THR B 101 16.91 10.59 8.03
N LEU B 102 16.44 9.47 8.51
CA LEU B 102 15.95 9.39 9.86
C LEU B 102 17.13 9.14 10.80
N LYS B 103 17.46 10.11 11.64
CA LYS B 103 18.60 9.95 12.55
C LYS B 103 18.23 9.49 13.94
N SER B 104 16.95 9.48 14.26
CA SER B 104 16.54 9.18 15.60
C SER B 104 15.03 9.19 15.72
N VAL B 105 14.48 8.26 16.50
CA VAL B 105 13.05 8.16 16.61
C VAL B 105 12.68 8.00 18.06
N ASN B 106 11.78 8.83 18.57
CA ASN B 106 11.30 8.64 19.91
C ASN B 106 9.81 8.67 20.00
N TYR B 107 9.28 7.63 20.57
CA TYR B 107 7.87 7.53 20.82
C TYR B 107 7.37 8.66 21.69
N TYR B 108 6.29 9.30 21.25
CA TYR B 108 5.74 10.44 21.95
C TYR B 108 4.29 10.29 22.41
N GLY B 109 3.78 9.09 22.38
CA GLY B 109 2.50 8.86 23.00
C GLY B 109 1.39 8.71 22.01
N SER B 110 0.26 8.26 22.52
CA SER B 110 -0.92 8.08 21.68
C SER B 110 -2.15 8.67 22.33
N GLU B 111 -3.22 8.78 21.57
CA GLU B 111 -4.53 9.02 22.12
C GLU B 111 -5.56 8.31 21.29
N GLN B 112 -6.64 7.90 21.95
CA GLN B 112 -7.69 7.11 21.34
C GLN B 112 -8.45 7.86 20.27
N THR B 113 -8.85 7.10 19.25
CA THR B 113 -9.83 7.53 18.27
C THR B 113 -10.99 6.53 18.37
N LYS B 114 -12.08 6.83 17.68
CA LYS B 114 -13.26 5.95 17.67
C LYS B 114 -12.82 4.54 17.31
N LYS B 115 -11.86 4.51 16.40
CA LYS B 115 -11.48 3.34 15.65
C LYS B 115 -10.12 2.77 16.12
N GLY B 116 -9.27 3.62 16.68
CA GLY B 116 -7.96 3.16 17.13
C GLY B 116 -7.19 4.18 17.93
N TYR B 117 -5.99 4.53 17.46
CA TYR B 117 -5.12 5.43 18.17
C TYR B 117 -4.44 6.34 17.20
N SER B 118 -4.16 7.55 17.66
CA SER B 118 -3.36 8.52 16.97
C SER B 118 -2.02 8.52 17.65
N VAL B 119 -0.95 8.17 16.95
CA VAL B 119 0.36 8.07 17.60
C VAL B 119 1.32 9.18 17.16
N GLU B 120 2.19 9.62 18.06
CA GLU B 120 3.17 10.63 17.74
C GLU B 120 4.56 10.13 18.01
N TYR B 121 5.49 10.48 17.13
CA TYR B 121 6.89 10.32 17.42
C TYR B 121 7.63 11.62 17.21
N LEU B 122 8.71 11.81 17.97
CA LEU B 122 9.60 12.90 17.72
C LEU B 122 10.76 12.34 16.91
N LEU B 123 11.08 13.01 15.81
CA LEU B 123 12.08 12.51 14.91
C LEU B 123 13.16 13.51 14.77
N ASN B 124 14.36 12.97 14.54
CA ASN B 124 15.43 13.77 13.99
C ASN B 124 15.65 13.38 12.58
N VAL B 125 15.36 14.31 11.70
CA VAL B 125 15.32 14.12 10.28
C VAL B 125 16.47 14.93 9.76
N SER B 126 17.21 14.37 8.82
CA SER B 126 18.40 15.01 8.24
C SER B 126 18.34 15.18 6.69
N VAL B 127 18.69 16.36 6.19
CA VAL B 127 18.88 16.56 4.74
C VAL B 127 20.17 17.32 4.59
N ASP B 128 21.02 16.89 3.65
CA ASP B 128 22.29 17.56 3.37
C ASP B 128 23.05 17.87 4.65
N ASN B 129 23.08 16.88 5.51
CA ASN B 129 23.91 16.90 6.70
C ASN B 129 23.32 17.55 7.94
N ARG B 130 22.33 18.43 7.76
CA ARG B 130 21.72 19.09 8.92
C ARG B 130 20.39 18.47 9.38
N SER B 131 20.30 18.20 10.69
CA SER B 131 19.08 17.66 11.32
C SER B 131 18.15 18.71 11.86
N LYS B 132 16.85 18.42 11.86
CA LYS B 132 15.93 19.21 12.68
C LYS B 132 14.93 18.27 13.32
N GLN B 134 11.23 17.11 14.27
CA GLN B 134 9.88 17.17 13.85
C GLN B 134 9.05 16.16 14.65
N LYS B 135 7.75 16.41 14.72
CA LYS B 135 6.76 15.45 15.14
C LYS B 135 6.13 14.80 13.92
N ILE B 136 5.91 13.51 14.03
CA ILE B 136 5.16 12.81 13.02
C ILE B 136 3.97 12.18 13.70
N THR B 137 2.80 12.29 13.08
CA THR B 137 1.56 11.76 13.64
C THR B 137 0.89 10.86 12.60
N PHE B 138 0.23 9.80 13.05
CA PHE B 138 -0.57 9.02 12.13
C PHE B 138 -1.45 8.11 12.94
N GLU B 139 -2.50 7.60 12.32
CA GLU B 139 -3.38 6.73 13.05
C GLU B 139 -3.10 5.27 12.78
N VAL B 140 -3.39 4.44 13.75
CA VAL B 140 -3.25 3.00 13.63
C VAL B 140 -4.55 2.36 14.11
N GLU B 141 -4.74 1.10 13.73
CA GLU B 141 -5.86 0.30 14.19
C GLU B 141 -5.39 -1.12 14.41
N PRO B 142 -5.90 -1.73 15.49
CA PRO B 142 -5.54 -3.10 15.80
C PRO B 142 -6.19 -3.97 14.73
N THR B 143 -5.53 -5.06 14.39
CA THR B 143 -6.12 -6.08 13.55
C THR B 143 -6.06 -7.34 14.39
N LYS B 144 -6.64 -8.45 13.93
CA LYS B 144 -6.69 -9.63 14.78
C LYS B 144 -5.28 -10.02 15.23
N ASN B 145 -4.34 -10.03 14.29
CA ASN B 145 -2.97 -10.46 14.61
C ASN B 145 -1.94 -9.34 14.84
N GLY B 146 -2.30 -8.09 14.58
CA GLY B 146 -1.39 -6.97 14.83
C GLY B 146 -1.98 -5.57 14.70
N PHE B 147 -1.40 -4.78 13.81
CA PHE B 147 -1.76 -3.36 13.66
C PHE B 147 -1.65 -2.93 12.22
N LEU B 148 -2.41 -1.89 11.86
CA LEU B 148 -2.24 -1.24 10.56
C LEU B 148 -2.29 0.26 10.69
N VAL B 149 -1.41 0.96 9.96
CA VAL B 149 -1.54 2.39 9.73
C VAL B 149 -2.77 2.70 8.88
N THR B 150 -3.58 3.67 9.29
CA THR B 150 -4.83 3.99 8.64
C THR B 150 -4.97 5.43 8.17
N THR B 151 -3.90 6.24 8.26
CA THR B 151 -3.86 7.58 7.63
C THR B 151 -2.46 7.93 7.15
N GLN B 152 -2.35 8.88 6.24
CA GLN B 152 -1.04 9.31 5.77
C GLN B 152 -0.36 10.11 6.90
N PRO B 153 0.89 9.76 7.27
CA PRO B 153 1.50 10.45 8.37
C PRO B 153 1.63 11.99 8.14
N LYS B 154 1.38 12.74 9.20
CA LYS B 154 1.58 14.17 9.18
C LYS B 154 2.86 14.55 9.90
N LEU B 155 3.71 15.20 9.14
CA LEU B 155 5.01 15.60 9.61
C LEU B 155 5.04 17.11 9.90
N THR B 156 5.24 17.51 11.16
CA THR B 156 5.18 18.94 11.51
C THR B 156 6.37 19.41 12.35
N ASP B 157 6.79 20.66 12.15
CA ASP B 157 7.79 21.30 13.02
C ASP B 157 7.46 21.28 14.49
N PHE B 158 8.50 21.13 15.30
CA PHE B 158 8.27 20.95 16.70
C PHE B 158 9.39 21.50 17.57
N SER B 159 9.05 21.99 18.74
CA SER B 159 10.06 22.25 19.75
C SER B 159 9.46 22.14 21.13
N PHE B 160 10.33 21.98 22.12
CA PHE B 160 9.92 21.85 23.50
C PHE B 160 9.49 23.18 24.18
N ASN B 161 10.20 24.24 23.85
CA ASN B 161 10.00 25.56 24.49
C ASN B 161 8.85 26.38 23.88
N SER C 53 2.42 12.21 31.29
CA SER C 53 2.48 11.28 30.09
C SER C 53 3.47 10.09 30.22
N GLN C 54 4.77 10.38 30.30
CA GLN C 54 5.82 9.36 30.59
C GLN C 54 6.67 9.27 29.37
N SER C 55 6.04 8.98 28.24
CA SER C 55 6.64 9.07 26.94
C SER C 55 7.24 10.42 26.70
N LYS C 56 6.47 11.45 27.03
CA LYS C 56 6.84 12.83 26.71
C LYS C 56 8.04 13.27 27.52
N ILE C 57 7.95 13.02 28.82
CA ILE C 57 9.03 13.31 29.74
C ILE C 57 10.28 12.48 29.41
N ASP C 58 10.11 11.17 29.20
CA ASP C 58 11.15 10.28 28.70
C ASP C 58 11.89 10.87 27.49
N THR C 59 11.15 11.15 26.41
CA THR C 59 11.69 11.73 25.22
C THR C 59 12.38 13.05 25.50
N PHE C 60 11.75 13.90 26.27
CA PHE C 60 12.40 15.17 26.54
C PHE C 60 13.78 14.96 27.21
N GLY C 61 13.83 14.08 28.21
CA GLY C 61 15.10 13.80 28.86
C GLY C 61 16.15 13.30 27.88
N ARG C 62 15.74 12.49 26.90
CA ARG C 62 16.73 11.99 25.94
C ARG C 62 17.35 13.11 25.12
N TYR C 63 16.53 14.07 24.74
CA TYR C 63 17.04 15.18 23.95
C TYR C 63 17.99 16.00 24.77
N PHE C 64 17.56 16.35 25.99
CA PHE C 64 18.49 17.04 26.91
C PHE C 64 19.80 16.25 27.08
N LEU C 65 19.71 14.90 27.22
CA LEU C 65 20.92 14.12 27.51
C LEU C 65 21.92 14.18 26.33
N THR C 66 21.39 14.26 25.11
CA THR C 66 22.22 14.42 23.95
C THR C 66 23.08 15.66 24.02
N TYR C 67 22.50 16.79 24.39
CA TYR C 67 23.27 18.02 24.58
C TYR C 67 24.10 18.05 25.86
N TYR C 68 23.52 17.56 26.95
CA TYR C 68 24.28 17.49 28.20
C TYR C 68 25.54 16.67 28.04
N PHE C 69 25.44 15.59 27.30
CA PHE C 69 26.62 14.75 27.13
C PHE C 69 27.53 15.09 25.92
N SER C 70 27.22 16.20 25.25
CA SER C 70 28.02 16.69 24.13
C SER C 70 29.47 16.95 24.51
N GLN C 71 30.36 16.76 23.55
CA GLN C 71 31.76 16.99 23.87
C GLN C 71 32.34 18.28 23.33
N GLU C 72 31.51 19.23 22.86
CA GLU C 72 31.98 20.60 22.59
C GLU C 72 32.96 21.12 23.65
N LYS C 73 34.18 21.45 23.20
CA LYS C 73 35.31 21.79 24.10
C LYS C 73 35.20 23.24 24.62
N ASN C 74 34.68 24.12 23.78
CA ASN C 74 34.40 25.46 24.18
C ASN C 74 33.11 25.55 25.04
N GLN C 75 33.32 25.93 26.29
CA GLN C 75 32.26 25.97 27.29
C GLN C 75 31.07 26.86 26.92
N GLU C 76 31.31 27.91 26.15
CA GLU C 76 30.26 28.84 25.76
C GLU C 76 29.22 28.22 24.86
N ASN C 77 29.64 27.53 23.81
CA ASN C 77 28.64 26.97 22.93
C ASN C 77 27.99 25.76 23.53
N TYR C 78 28.74 25.06 24.40
CA TYR C 78 28.22 23.92 25.13
C TYR C 78 27.00 24.37 25.96
N GLN C 79 27.19 25.45 26.71
CA GLN C 79 26.11 25.99 27.51
C GLN C 79 24.97 26.50 26.65
N SER C 80 25.34 27.16 25.58
CA SER C 80 24.37 27.74 24.69
C SER C 80 23.54 26.65 24.04
N SER C 81 24.19 25.53 23.71
CA SER C 81 23.44 24.46 23.05
C SER C 81 22.50 23.74 24.00
N LEU C 82 22.67 23.92 25.31
CA LEU C 82 21.76 23.27 26.23
C LEU C 82 20.85 24.17 26.99
N ARG C 83 21.00 25.47 26.75
CA ARG C 83 20.27 26.52 27.40
C ARG C 83 18.79 26.29 27.32
N THR C 84 18.33 25.92 26.14
CA THR C 84 16.93 25.88 25.84
C THR C 84 16.15 24.84 26.68
N TYR C 85 16.86 23.80 27.19
CA TYR C 85 16.33 22.66 27.99
C TYR C 85 16.31 22.92 29.47
N VAL C 86 17.17 23.83 29.91
CA VAL C 86 17.37 24.12 31.34
C VAL C 86 16.69 25.41 31.77
N SER C 87 15.89 25.36 32.82
CA SER C 87 15.17 26.52 33.37
C SER C 87 16.13 27.64 33.73
N GLU C 88 15.70 28.88 33.50
CA GLU C 88 16.45 30.10 33.89
C GLU C 88 16.82 30.18 35.38
N LYS C 89 16.05 29.47 36.22
CA LYS C 89 16.32 29.43 37.66
C LYS C 89 17.60 28.64 37.95
N VAL C 90 18.22 28.05 36.96
CA VAL C 90 19.45 27.29 37.15
C VAL C 90 20.64 27.97 36.48
N ASP C 91 21.75 28.03 37.15
CA ASP C 91 22.84 28.78 36.63
C ASP C 91 23.76 27.75 36.03
N ILE C 92 23.95 27.80 34.72
CA ILE C 92 24.71 26.79 34.01
C ILE C 92 26.05 27.30 33.68
N SER C 93 26.48 28.36 34.35
CA SER C 93 27.72 29.00 33.89
C SER C 93 28.97 28.16 34.17
N ASP C 94 28.88 27.29 35.17
CA ASP C 94 29.98 26.36 35.55
C ASP C 94 29.81 24.94 34.97
N TRP C 95 28.73 24.67 34.24
CA TRP C 95 28.59 23.38 33.54
C TRP C 95 29.56 23.33 32.41
N LYS C 96 30.34 22.28 32.29
CA LYS C 96 31.08 22.08 31.04
C LYS C 96 30.99 20.66 30.56
N ALA C 97 31.42 20.45 29.31
CA ALA C 97 31.63 19.14 28.70
C ALA C 97 32.25 18.23 29.75
N LEU C 98 31.74 17.00 29.87
CA LEU C 98 32.05 16.16 31.01
C LEU C 98 33.17 15.14 30.76
N GLY C 99 33.66 15.07 29.51
CA GLY C 99 34.69 14.11 29.11
C GLY C 99 34.26 12.64 29.02
N LYS C 100 33.03 12.43 28.56
CA LYS C 100 32.35 11.13 28.68
C LYS C 100 31.55 10.88 27.44
N THR C 101 31.79 9.73 26.80
CA THR C 101 31.05 9.39 25.59
C THR C 101 29.79 8.61 25.95
N LEU C 102 28.68 9.09 25.44
CA LEU C 102 27.39 8.51 25.75
C LEU C 102 27.18 7.35 24.80
N LYS C 103 27.11 6.13 25.32
CA LYS C 103 26.96 5.03 24.39
C LYS C 103 25.59 4.46 24.29
N SER C 104 24.72 4.73 25.25
CA SER C 104 23.37 4.21 25.20
C SER C 104 22.59 4.82 26.35
N VAL C 105 21.29 4.94 26.17
CA VAL C 105 20.51 5.69 27.10
C VAL C 105 19.23 4.91 27.25
N ASN C 106 18.81 4.64 28.49
CA ASN C 106 17.54 4.02 28.70
C ASN C 106 16.78 4.64 29.82
N TYR C 107 15.50 4.87 29.58
CA TYR C 107 14.67 5.54 30.54
C TYR C 107 14.43 4.69 31.75
N TYR C 108 14.61 5.28 32.93
CA TYR C 108 14.51 4.46 34.08
C TYR C 108 13.41 4.87 35.04
N GLY C 109 12.43 5.62 34.58
CA GLY C 109 11.31 5.99 35.43
C GLY C 109 11.37 7.37 36.04
N SER C 110 10.22 7.85 36.51
CA SER C 110 10.09 9.16 37.15
C SER C 110 9.46 9.01 38.52
N GLU C 111 9.73 9.96 39.39
CA GLU C 111 9.00 10.10 40.64
C GLU C 111 8.42 11.50 40.66
N GLN C 112 7.14 11.61 40.99
CA GLN C 112 6.52 12.92 41.17
C GLN C 112 7.24 13.67 42.28
N THR C 113 7.49 14.95 42.02
CA THR C 113 8.03 15.86 43.04
C THR C 113 6.99 16.98 43.30
N LYS C 114 7.31 17.96 44.16
CA LYS C 114 6.36 19.04 44.47
C LYS C 114 5.98 19.87 43.25
N LYS C 115 6.99 20.36 42.53
CA LYS C 115 6.73 21.19 41.35
C LYS C 115 6.91 20.47 40.00
N GLY C 116 7.34 19.21 40.04
CA GLY C 116 7.48 18.44 38.80
C GLY C 116 7.79 16.96 38.99
N TYR C 117 8.91 16.54 38.41
CA TYR C 117 9.29 15.14 38.42
C TYR C 117 10.75 14.99 38.55
N SER C 118 11.19 13.97 39.27
CA SER C 118 12.54 13.46 39.21
C SER C 118 12.65 12.28 38.21
N VAL C 119 13.54 12.40 37.23
CA VAL C 119 13.64 11.33 36.24
C VAL C 119 14.97 10.62 36.30
N GLU C 120 14.98 9.34 35.96
CA GLU C 120 16.21 8.57 35.95
C GLU C 120 16.46 7.92 34.61
N TYR C 121 17.72 7.85 34.22
CA TYR C 121 18.13 7.07 33.06
C TYR C 121 19.30 6.20 33.41
N LEU C 122 19.36 5.05 32.75
CA LEU C 122 20.56 4.22 32.86
C LEU C 122 21.43 4.51 31.63
N LEU C 123 22.73 4.66 31.84
CA LEU C 123 23.60 5.00 30.73
C LEU C 123 24.78 4.09 30.71
N ASN C 124 25.27 3.85 29.50
CA ASN C 124 26.62 3.33 29.34
C ASN C 124 27.42 4.48 28.87
N VAL C 125 28.42 4.76 29.68
CA VAL C 125 29.31 5.85 29.44
C VAL C 125 30.70 5.26 29.35
N SER C 126 31.48 5.81 28.41
CA SER C 126 32.88 5.45 28.28
C SER C 126 33.77 6.69 28.55
N VAL C 127 34.75 6.50 29.43
CA VAL C 127 35.66 7.55 29.87
C VAL C 127 37.00 6.87 29.88
N ASP C 128 38.08 7.63 29.75
CA ASP C 128 39.41 7.04 29.85
C ASP C 128 39.40 5.90 28.81
N ASN C 129 39.37 4.64 29.24
CA ASN C 129 39.35 3.52 28.31
C ASN C 129 38.25 2.50 28.63
N ARG C 130 37.59 2.67 29.78
CA ARG C 130 36.64 1.66 30.27
C ARG C 130 35.16 2.06 30.22
N SER C 131 34.31 1.09 29.94
CA SER C 131 32.88 1.32 29.79
C SER C 131 32.04 0.83 31.02
N LYS C 132 31.22 1.70 31.61
CA LYS C 132 30.46 1.32 32.83
C LYS C 132 29.06 1.90 32.90
N GLN C 134 26.08 3.71 34.61
CA GLN C 134 25.70 4.77 35.51
C GLN C 134 24.20 4.95 35.50
N LYS C 135 23.71 5.51 36.60
CA LYS C 135 22.48 6.25 36.62
C LYS C 135 22.69 7.79 36.59
N ILE C 136 21.84 8.48 35.85
CA ILE C 136 21.76 9.92 35.87
C ILE C 136 20.36 10.34 36.33
N THR C 137 20.32 11.28 37.28
CA THR C 137 19.10 11.78 37.89
C THR C 137 19.04 13.31 37.70
N PHE C 138 17.88 13.81 37.32
CA PHE C 138 17.65 15.22 37.32
C PHE C 138 16.19 15.51 37.47
N GLU C 139 15.89 16.74 37.85
CA GLU C 139 14.48 17.12 38.00
C GLU C 139 14.00 17.91 36.79
N VAL C 140 12.73 17.78 36.47
CA VAL C 140 12.13 18.56 35.40
C VAL C 140 10.85 19.21 35.87
N GLU C 141 10.42 20.25 35.15
CA GLU C 141 9.17 20.95 35.48
C GLU C 141 8.44 21.11 34.18
N PRO C 142 7.12 20.91 34.23
CA PRO C 142 6.35 21.05 32.99
C PRO C 142 6.25 22.52 32.63
N THR C 143 6.15 22.84 31.36
CA THR C 143 5.92 24.22 30.93
C THR C 143 4.73 24.22 29.99
N LYS C 144 4.15 25.40 29.74
CA LYS C 144 2.97 25.52 28.86
C LYS C 144 3.23 24.80 27.52
N ASN C 145 2.94 23.50 27.49
CA ASN C 145 3.34 22.60 26.41
C ASN C 145 4.90 22.49 26.28
N GLY C 146 5.45 21.41 26.85
CA GLY C 146 6.90 21.23 26.96
C GLY C 146 7.40 20.95 28.39
N PHE C 147 8.72 20.98 28.53
CA PHE C 147 9.39 20.72 29.81
C PHE C 147 10.63 21.56 30.00
N LEU C 148 11.08 21.73 31.24
CA LEU C 148 12.43 22.24 31.52
C LEU C 148 13.17 21.46 32.64
N VAL C 149 14.49 21.33 32.50
CA VAL C 149 15.31 20.74 33.54
C VAL C 149 15.51 21.76 34.67
N THR C 150 15.38 21.34 35.93
CA THR C 150 15.49 22.26 37.05
C THR C 150 16.54 21.95 38.13
N THR C 151 17.40 20.96 37.88
CA THR C 151 18.53 20.71 38.75
C THR C 151 19.69 20.23 37.90
N GLN C 152 20.90 20.37 38.42
CA GLN C 152 22.03 19.83 37.72
C GLN C 152 21.99 18.27 37.83
N PRO C 153 22.23 17.54 36.73
CA PRO C 153 22.03 16.10 36.86
C PRO C 153 23.12 15.45 37.75
N LYS C 154 22.76 14.42 38.49
CA LYS C 154 23.71 13.66 39.30
C LYS C 154 23.96 12.32 38.63
N LEU C 155 25.24 12.04 38.42
CA LEU C 155 25.71 10.81 37.85
C LEU C 155 26.21 9.90 38.96
N THR C 156 25.72 8.67 39.03
CA THR C 156 26.20 7.75 40.05
C THR C 156 26.37 6.35 39.48
N ASP C 157 27.33 5.61 40.03
CA ASP C 157 27.46 4.17 39.80
C ASP C 157 26.18 3.39 40.12
N PHE C 158 25.95 2.34 39.36
CA PHE C 158 24.70 1.64 39.45
C PHE C 158 24.98 0.18 39.11
N SER C 159 24.27 -0.73 39.74
CA SER C 159 24.24 -2.12 39.28
C SER C 159 22.84 -2.56 39.58
N PHE C 160 22.41 -3.69 38.99
CA PHE C 160 21.12 -4.29 39.28
C PHE C 160 21.13 -5.19 40.52
N ASN C 161 22.31 -5.38 41.12
CA ASN C 161 22.47 -6.29 42.29
C ASN C 161 21.78 -5.80 43.53
N SER D 53 -3.25 -13.84 -30.37
CA SER D 53 -4.19 -12.66 -30.29
C SER D 53 -4.36 -12.09 -28.85
N GLN D 54 -3.94 -10.83 -28.64
CA GLN D 54 -4.04 -10.23 -27.32
C GLN D 54 -5.48 -10.10 -26.81
N SER D 55 -6.40 -9.96 -27.75
CA SER D 55 -7.80 -9.93 -27.44
C SER D 55 -8.26 -11.12 -26.64
N LYS D 56 -7.70 -12.28 -26.97
CA LYS D 56 -8.11 -13.53 -26.38
C LYS D 56 -7.57 -13.59 -24.98
N ILE D 57 -6.29 -13.25 -24.81
CA ILE D 57 -5.73 -13.24 -23.47
C ILE D 57 -6.43 -12.23 -22.59
N ASP D 58 -6.66 -11.03 -23.13
CA ASP D 58 -7.44 -9.99 -22.45
C ASP D 58 -8.78 -10.52 -21.90
N THR D 59 -9.61 -11.06 -22.79
CA THR D 59 -10.89 -11.62 -22.41
C THR D 59 -10.73 -12.74 -21.40
N PHE D 60 -9.76 -13.62 -21.59
CA PHE D 60 -9.55 -14.67 -20.61
C PHE D 60 -9.25 -14.09 -19.21
N GLY D 61 -8.33 -13.14 -19.14
CA GLY D 61 -8.03 -12.53 -17.88
C GLY D 61 -9.24 -11.87 -17.23
N ARG D 62 -10.08 -11.22 -18.04
CA ARG D 62 -11.27 -10.56 -17.46
C ARG D 62 -12.17 -11.62 -16.82
N TYR D 63 -12.26 -12.78 -17.46
CA TYR D 63 -13.14 -13.78 -16.93
C TYR D 63 -12.58 -14.29 -15.63
N PHE D 64 -11.29 -14.62 -15.66
CA PHE D 64 -10.62 -15.02 -14.43
C PHE D 64 -10.82 -14.02 -13.31
N LEU D 65 -10.70 -12.72 -13.60
CA LEU D 65 -10.85 -11.69 -12.54
C LEU D 65 -12.20 -11.74 -11.82
N THR D 66 -13.27 -12.05 -12.54
CA THR D 66 -14.56 -11.96 -11.91
C THR D 66 -14.62 -13.04 -10.84
N TYR D 67 -13.97 -14.18 -11.06
CA TYR D 67 -13.87 -15.20 -10.03
C TYR D 67 -12.80 -14.90 -9.01
N TYR D 68 -11.68 -14.34 -9.43
CA TYR D 68 -10.67 -13.93 -8.45
C TYR D 68 -11.21 -12.97 -7.44
N PHE D 69 -12.06 -12.05 -7.89
CA PHE D 69 -12.62 -11.02 -7.00
C PHE D 69 -14.01 -11.33 -6.45
N SER D 70 -14.43 -12.57 -6.64
CA SER D 70 -15.64 -13.04 -6.05
C SER D 70 -15.56 -12.92 -4.53
N GLN D 71 -16.70 -12.76 -3.89
CA GLN D 71 -16.72 -12.51 -2.46
C GLN D 71 -17.26 -13.71 -1.63
N GLU D 72 -17.51 -14.83 -2.31
CA GLU D 72 -17.72 -16.13 -1.65
C GLU D 72 -16.92 -16.30 -0.34
N LYS D 73 -17.62 -16.26 0.80
CA LYS D 73 -16.98 -16.35 2.13
C LYS D 73 -16.39 -17.75 2.42
N ASN D 74 -16.97 -18.79 1.79
CA ASN D 74 -16.41 -20.14 1.90
C ASN D 74 -15.23 -20.45 0.97
N GLN D 75 -14.03 -20.43 1.57
CA GLN D 75 -12.77 -20.85 0.95
C GLN D 75 -12.82 -21.97 -0.08
N GLU D 76 -13.55 -23.04 0.25
CA GLU D 76 -13.53 -24.20 -0.64
C GLU D 76 -14.22 -23.90 -1.95
N ASN D 77 -15.37 -23.26 -1.85
CA ASN D 77 -16.11 -22.86 -3.02
C ASN D 77 -15.40 -21.80 -3.84
N TYR D 78 -14.80 -20.82 -3.14
CA TYR D 78 -14.10 -19.73 -3.79
C TYR D 78 -12.97 -20.33 -4.63
N GLN D 79 -12.23 -21.26 -4.05
CA GLN D 79 -11.18 -21.93 -4.77
C GLN D 79 -11.77 -22.75 -5.86
N SER D 80 -12.90 -23.37 -5.58
CA SER D 80 -13.57 -24.17 -6.61
C SER D 80 -14.04 -23.41 -7.82
N SER D 81 -14.64 -22.24 -7.62
CA SER D 81 -15.17 -21.49 -8.75
C SER D 81 -14.06 -20.95 -9.62
N LEU D 82 -12.80 -20.97 -9.14
CA LEU D 82 -11.70 -20.45 -9.95
C LEU D 82 -10.64 -21.47 -10.38
N ARG D 83 -10.78 -22.71 -9.89
CA ARG D 83 -9.82 -23.77 -10.19
C ARG D 83 -9.49 -23.95 -11.65
N THR D 84 -10.52 -23.87 -12.50
CA THR D 84 -10.39 -24.10 -13.93
C THR D 84 -9.53 -23.05 -14.64
N TYR D 85 -9.45 -21.83 -14.11
CA TYR D 85 -8.65 -20.75 -14.69
C TYR D 85 -7.17 -20.83 -14.39
N VAL D 86 -6.84 -21.50 -13.27
CA VAL D 86 -5.46 -21.47 -12.80
C VAL D 86 -4.76 -22.79 -13.06
N SER D 87 -3.53 -22.76 -13.53
CA SER D 87 -2.73 -23.98 -13.65
C SER D 87 -2.59 -24.75 -12.33
N GLU D 88 -2.55 -26.07 -12.43
CA GLU D 88 -2.40 -26.92 -11.27
C GLU D 88 -1.04 -26.84 -10.62
N LYS D 89 -0.05 -26.32 -11.35
CA LYS D 89 1.27 -25.99 -10.82
C LYS D 89 1.26 -24.86 -9.83
N VAL D 90 0.19 -24.08 -9.77
CA VAL D 90 0.12 -22.99 -8.82
C VAL D 90 -0.59 -23.46 -7.54
N ASP D 91 0.01 -23.16 -6.37
CA ASP D 91 -0.62 -23.44 -5.07
C ASP D 91 -1.75 -22.47 -4.75
N ILE D 92 -2.99 -22.92 -4.77
CA ILE D 92 -4.15 -22.03 -4.49
C ILE D 92 -4.86 -22.39 -3.20
N SER D 93 -4.25 -23.29 -2.44
CA SER D 93 -4.81 -23.71 -1.16
C SER D 93 -4.98 -22.56 -0.19
N ASP D 94 -4.20 -21.49 -0.34
CA ASP D 94 -4.30 -20.32 0.56
C ASP D 94 -5.25 -19.19 0.18
N TRP D 95 -5.74 -19.19 -1.05
CA TRP D 95 -6.49 -18.09 -1.62
C TRP D 95 -7.81 -17.98 -0.98
N LYS D 96 -8.13 -16.76 -0.55
CA LYS D 96 -9.43 -16.46 0.04
C LYS D 96 -10.02 -15.27 -0.68
N ALA D 97 -11.33 -15.12 -0.56
CA ALA D 97 -12.02 -13.90 -0.87
C ALA D 97 -11.19 -12.72 -0.34
N LEU D 98 -11.06 -11.69 -1.15
CA LEU D 98 -10.10 -10.67 -0.87
C LEU D 98 -10.76 -9.52 -0.12
N GLY D 99 -12.09 -9.53 0.01
CA GLY D 99 -12.81 -8.40 0.63
C GLY D 99 -12.77 -7.11 -0.17
N LYS D 100 -12.50 -7.22 -1.47
CA LYS D 100 -12.55 -6.10 -2.39
C LYS D 100 -13.70 -6.32 -3.35
N THR D 101 -14.46 -5.25 -3.62
CA THR D 101 -15.50 -5.26 -4.65
C THR D 101 -14.89 -4.69 -5.94
N LEU D 102 -15.15 -5.36 -7.04
CA LEU D 102 -14.56 -5.02 -8.30
C LEU D 102 -15.55 -4.15 -9.09
N LYS D 103 -15.21 -2.88 -9.26
CA LYS D 103 -16.16 -1.92 -9.88
C LYS D 103 -15.95 -1.74 -11.36
N SER D 104 -14.72 -1.96 -11.84
CA SER D 104 -14.45 -1.95 -13.25
C SER D 104 -13.08 -2.57 -13.58
N VAL D 105 -12.96 -3.08 -14.82
CA VAL D 105 -11.75 -3.72 -15.28
C VAL D 105 -11.35 -3.13 -16.61
N ASN D 106 -10.08 -2.86 -16.77
CA ASN D 106 -9.58 -2.36 -17.99
C ASN D 106 -8.25 -3.03 -18.26
N TYR D 107 -8.17 -3.61 -19.43
CA TYR D 107 -7.00 -4.32 -19.88
C TYR D 107 -5.88 -3.34 -20.05
N TYR D 108 -4.73 -3.63 -19.46
CA TYR D 108 -3.61 -2.69 -19.52
C TYR D 108 -2.42 -3.23 -20.26
N GLY D 109 -2.58 -4.26 -21.06
CA GLY D 109 -1.48 -4.72 -21.92
C GLY D 109 -0.72 -5.92 -21.42
N SER D 110 0.10 -6.50 -22.28
CA SER D 110 0.85 -7.70 -21.97
C SER D 110 2.30 -7.58 -22.39
N GLU D 111 3.16 -8.38 -21.76
CA GLU D 111 4.55 -8.55 -22.13
C GLU D 111 4.71 -10.05 -22.38
N GLN D 112 5.29 -10.40 -23.52
CA GLN D 112 5.74 -11.74 -23.83
C GLN D 112 6.69 -12.26 -22.75
N THR D 113 6.46 -13.49 -22.31
CA THR D 113 7.38 -14.25 -21.46
C THR D 113 7.82 -15.46 -22.29
N LYS D 114 8.75 -16.26 -21.75
CA LYS D 114 9.12 -17.46 -22.48
C LYS D 114 7.94 -18.42 -22.78
N LYS D 115 7.06 -18.65 -21.79
CA LYS D 115 5.93 -19.59 -21.96
C LYS D 115 4.60 -18.92 -22.28
N GLY D 116 4.50 -17.62 -22.03
CA GLY D 116 3.26 -16.97 -22.36
C GLY D 116 3.30 -15.46 -22.28
N TYR D 117 2.48 -14.90 -21.41
CA TYR D 117 2.39 -13.47 -21.31
C TYR D 117 2.18 -13.05 -19.86
N SER D 118 2.78 -11.93 -19.48
CA SER D 118 2.40 -11.15 -18.28
C SER D 118 1.33 -10.16 -18.71
N VAL D 119 0.19 -10.18 -18.05
CA VAL D 119 -0.86 -9.25 -18.37
C VAL D 119 -1.03 -8.28 -17.20
N GLU D 120 -1.59 -7.11 -17.49
CA GLU D 120 -1.94 -6.15 -16.43
C GLU D 120 -3.30 -5.63 -16.75
N TYR D 121 -4.04 -5.34 -15.69
CA TYR D 121 -5.33 -4.67 -15.78
C TYR D 121 -5.33 -3.54 -14.77
N LEU D 122 -6.09 -2.49 -15.08
CA LEU D 122 -6.39 -1.46 -14.11
C LEU D 122 -7.74 -1.73 -13.53
N LEU D 123 -7.84 -1.81 -12.21
CA LEU D 123 -9.08 -2.15 -11.57
C LEU D 123 -9.62 -0.99 -10.81
N ASN D 124 -10.93 -0.92 -10.73
CA ASN D 124 -11.54 -0.07 -9.72
C ASN D 124 -12.05 -0.93 -8.64
N VAL D 125 -11.51 -0.75 -7.44
CA VAL D 125 -11.95 -1.58 -6.31
C VAL D 125 -12.50 -0.76 -5.16
N SER D 126 -13.32 -1.36 -4.33
CA SER D 126 -13.60 -0.68 -3.10
C SER D 126 -13.37 -1.62 -1.97
N VAL D 127 -12.69 -1.09 -0.95
CA VAL D 127 -12.38 -1.79 0.32
C VAL D 127 -13.03 -1.01 1.43
N ASP D 128 -14.01 -1.63 2.09
CA ASP D 128 -14.74 -1.02 3.19
C ASP D 128 -15.36 0.35 2.78
N ASN D 129 -16.09 0.32 1.65
CA ASN D 129 -16.72 1.49 1.00
C ASN D 129 -15.85 2.63 0.51
N ARG D 130 -14.53 2.47 0.58
CA ARG D 130 -13.57 3.44 0.05
C ARG D 130 -12.92 2.88 -1.24
N SER D 131 -13.00 3.68 -2.32
CA SER D 131 -12.63 3.23 -3.67
C SER D 131 -11.21 3.60 -4.03
N LYS D 132 -10.59 2.76 -4.85
CA LYS D 132 -9.30 3.12 -5.39
C LYS D 132 -9.00 2.36 -6.68
N GLN D 134 -6.47 0.03 -8.62
CA GLN D 134 -5.35 -0.84 -8.45
C GLN D 134 -4.92 -1.40 -9.82
N LYS D 135 -3.65 -1.73 -9.94
CA LYS D 135 -3.15 -2.56 -11.01
C LYS D 135 -2.96 -3.98 -10.51
N ILE D 136 -3.35 -4.93 -11.36
CA ILE D 136 -3.22 -6.32 -11.11
C ILE D 136 -2.38 -6.91 -12.24
N THR D 137 -1.36 -7.66 -11.82
CA THR D 137 -0.44 -8.40 -12.71
C THR D 137 -0.44 -9.92 -12.43
N PHE D 138 -0.49 -10.70 -13.49
CA PHE D 138 -0.35 -12.13 -13.39
C PHE D 138 0.13 -12.70 -14.72
N GLU D 139 0.69 -13.91 -14.68
CA GLU D 139 1.08 -14.58 -15.91
C GLU D 139 0.02 -15.55 -16.41
N VAL D 140 0.00 -15.79 -17.73
CA VAL D 140 -1.00 -16.57 -18.48
C VAL D 140 -0.24 -17.41 -19.53
N GLU D 141 -0.48 -18.72 -19.58
CA GLU D 141 0.10 -19.53 -20.68
C GLU D 141 -1.01 -20.17 -21.52
N PRO D 142 -0.76 -20.36 -22.84
CA PRO D 142 -1.73 -21.07 -23.65
C PRO D 142 -1.68 -22.52 -23.30
N THR D 143 -2.78 -23.20 -23.57
CA THR D 143 -2.90 -24.64 -23.47
C THR D 143 -3.57 -25.07 -24.77
N LYS D 144 -3.71 -26.39 -24.96
CA LYS D 144 -4.10 -26.96 -26.25
C LYS D 144 -5.34 -26.27 -26.76
N ASN D 145 -6.33 -26.08 -25.89
CA ASN D 145 -7.60 -25.47 -26.30
C ASN D 145 -8.02 -24.23 -25.53
N GLY D 146 -7.10 -23.56 -24.87
CA GLY D 146 -7.44 -22.42 -24.01
C GLY D 146 -6.23 -21.75 -23.39
N PHE D 147 -6.36 -21.44 -22.09
CA PHE D 147 -5.39 -20.63 -21.33
C PHE D 147 -5.40 -20.98 -19.87
N LEU D 148 -4.33 -20.61 -19.18
CA LEU D 148 -4.26 -20.83 -17.78
C LEU D 148 -3.45 -19.71 -17.12
N VAL D 149 -3.87 -19.32 -15.92
CA VAL D 149 -3.14 -18.40 -15.09
C VAL D 149 -2.01 -19.22 -14.44
N THR D 150 -0.81 -18.68 -14.37
CA THR D 150 0.32 -19.45 -13.90
C THR D 150 1.14 -18.78 -12.77
N THR D 151 0.69 -17.65 -12.26
CA THR D 151 1.32 -17.07 -11.07
C THR D 151 0.23 -16.48 -10.23
N GLN D 152 0.50 -16.20 -8.97
CA GLN D 152 -0.50 -15.56 -8.13
C GLN D 152 -0.53 -14.08 -8.50
N PRO D 153 -1.72 -13.49 -8.66
CA PRO D 153 -1.77 -12.11 -9.15
C PRO D 153 -1.20 -11.15 -8.11
N LYS D 154 -0.45 -10.14 -8.54
CA LYS D 154 -0.03 -9.07 -7.64
C LYS D 154 -0.93 -7.84 -7.84
N LEU D 155 -1.47 -7.32 -6.74
CA LEU D 155 -2.21 -6.05 -6.69
C LEU D 155 -1.30 -4.93 -6.17
N THR D 156 -1.27 -3.79 -6.84
CA THR D 156 -0.58 -2.60 -6.37
C THR D 156 -1.49 -1.39 -6.60
N ASP D 157 -1.49 -0.50 -5.61
CA ASP D 157 -2.14 0.80 -5.69
C ASP D 157 -1.59 1.53 -6.90
N PHE D 158 -2.44 2.25 -7.57
CA PHE D 158 -2.06 2.78 -8.85
C PHE D 158 -2.63 4.18 -9.03
N SER D 159 -1.88 4.99 -9.76
CA SER D 159 -2.49 6.21 -10.25
C SER D 159 -1.79 6.63 -11.52
N PHE D 160 -2.50 7.45 -12.31
CA PHE D 160 -1.95 8.01 -13.53
C PHE D 160 -0.99 9.11 -13.22
N ASN D 161 -1.23 9.78 -12.10
CA ASN D 161 -0.43 10.91 -11.62
C ASN D 161 1.08 10.70 -11.79
N SER E 53 1.01 0.43 -23.74
CA SER E 53 0.46 -0.10 -25.00
C SER E 53 -0.53 0.96 -25.67
N GLN E 54 -1.15 0.60 -26.80
CA GLN E 54 -2.36 1.30 -27.21
C GLN E 54 -3.42 1.03 -26.10
N SER E 55 -3.29 -0.10 -25.43
CA SER E 55 -4.08 -0.46 -24.24
C SER E 55 -3.99 0.57 -23.16
N LYS E 56 -2.81 1.06 -22.88
CA LYS E 56 -2.66 2.02 -21.79
C LYS E 56 -3.26 3.37 -22.12
N ILE E 57 -3.00 3.86 -23.32
CA ILE E 57 -3.65 5.08 -23.75
C ILE E 57 -5.18 4.90 -23.83
N ASP E 58 -5.64 3.76 -24.36
CA ASP E 58 -7.06 3.41 -24.40
C ASP E 58 -7.70 3.54 -23.03
N THR E 59 -7.14 2.82 -22.07
CA THR E 59 -7.60 2.80 -20.69
C THR E 59 -7.58 4.20 -20.06
N PHE E 60 -6.51 4.94 -20.25
CA PHE E 60 -6.44 6.30 -19.73
C PHE E 60 -7.63 7.13 -20.20
N GLY E 61 -7.88 7.12 -21.51
CA GLY E 61 -8.93 7.91 -22.07
C GLY E 61 -10.25 7.53 -21.47
N ARG E 62 -10.43 6.24 -21.23
CA ARG E 62 -11.71 5.77 -20.64
C ARG E 62 -11.89 6.38 -19.27
N TYR E 63 -10.82 6.40 -18.51
CA TYR E 63 -10.91 7.03 -17.20
C TYR E 63 -11.23 8.51 -17.26
N PHE E 64 -10.51 9.23 -18.12
CA PHE E 64 -10.80 10.64 -18.34
C PHE E 64 -12.25 10.84 -18.71
N LEU E 65 -12.78 9.96 -19.58
CA LEU E 65 -14.15 10.18 -20.06
C LEU E 65 -15.20 10.05 -18.95
N THR E 66 -14.95 9.19 -17.99
CA THR E 66 -15.96 9.05 -16.95
C THR E 66 -16.05 10.36 -16.13
N TYR E 67 -14.91 11.06 -15.95
CA TYR E 67 -14.92 12.37 -15.29
C TYR E 67 -15.43 13.47 -16.21
N TYR E 68 -14.97 13.46 -17.44
CA TYR E 68 -15.42 14.43 -18.40
C TYR E 68 -16.93 14.45 -18.53
N PHE E 69 -17.52 13.27 -18.51
CA PHE E 69 -18.96 13.14 -18.66
C PHE E 69 -19.70 13.03 -17.32
N SER E 70 -19.03 13.42 -16.25
CA SER E 70 -19.66 13.33 -14.97
C SER E 70 -20.82 14.31 -14.93
N GLN E 71 -21.79 13.97 -14.08
CA GLN E 71 -22.99 14.76 -13.90
C GLN E 71 -22.89 15.77 -12.73
N GLU E 72 -21.73 15.90 -12.09
CA GLU E 72 -21.56 16.82 -10.95
C GLU E 72 -22.08 18.22 -11.31
N LYS E 73 -23.06 18.71 -10.56
CA LYS E 73 -23.75 19.98 -10.89
C LYS E 73 -22.92 21.24 -10.57
N ASN E 74 -22.11 21.11 -9.52
CA ASN E 74 -21.15 22.13 -9.10
C ASN E 74 -19.93 22.22 -10.03
N GLN E 75 -19.81 23.34 -10.73
CA GLN E 75 -18.72 23.56 -11.68
C GLN E 75 -17.31 23.38 -11.08
N GLU E 76 -17.13 23.72 -9.80
CA GLU E 76 -15.83 23.65 -9.16
C GLU E 76 -15.41 22.20 -8.94
N ASN E 77 -16.28 21.39 -8.38
CA ASN E 77 -15.89 20.01 -8.15
C ASN E 77 -15.80 19.22 -9.45
N TYR E 78 -16.55 19.62 -10.48
CA TYR E 78 -16.48 18.97 -11.79
C TYR E 78 -15.03 19.16 -12.33
N GLN E 79 -14.59 20.41 -12.23
CA GLN E 79 -13.29 20.79 -12.68
C GLN E 79 -12.22 20.15 -11.88
N SER E 80 -12.38 20.11 -10.56
CA SER E 80 -11.29 19.60 -9.77
C SER E 80 -11.23 18.10 -9.93
N SER E 81 -12.36 17.43 -10.13
CA SER E 81 -12.32 15.98 -10.36
C SER E 81 -11.63 15.53 -11.66
N LEU E 82 -11.43 16.42 -12.63
CA LEU E 82 -10.70 16.00 -13.80
C LEU E 82 -9.36 16.68 -14.02
N ARG E 83 -8.99 17.57 -13.09
CA ARG E 83 -7.80 18.37 -13.18
C ARG E 83 -6.59 17.48 -13.37
N THR E 84 -6.58 16.34 -12.70
CA THR E 84 -5.50 15.39 -12.70
C THR E 84 -5.20 14.83 -14.10
N TYR E 85 -6.25 14.81 -14.95
CA TYR E 85 -6.22 14.18 -16.28
C TYR E 85 -5.80 15.10 -17.40
N VAL E 86 -5.95 16.38 -17.18
CA VAL E 86 -5.75 17.38 -18.23
C VAL E 86 -4.52 18.17 -17.88
N SER E 87 -3.62 18.34 -18.83
CA SER E 87 -2.43 19.13 -18.65
C SER E 87 -2.80 20.57 -18.28
N GLU E 88 -1.94 21.17 -17.47
CA GLU E 88 -2.08 22.57 -17.14
C GLU E 88 -1.95 23.54 -18.31
N LYS E 89 -1.53 23.09 -19.48
CA LYS E 89 -1.51 23.99 -20.62
C LYS E 89 -2.90 24.19 -21.17
N VAL E 90 -3.87 23.53 -20.57
CA VAL E 90 -5.22 23.64 -21.04
C VAL E 90 -6.08 24.34 -20.01
N ASP E 91 -6.77 25.37 -20.47
CA ASP E 91 -7.63 26.15 -19.62
C ASP E 91 -8.96 25.45 -19.44
N ILE E 92 -9.20 24.86 -18.27
CA ILE E 92 -10.45 24.15 -18.04
C ILE E 92 -11.45 24.98 -17.29
N SER E 93 -11.28 26.29 -17.25
CA SER E 93 -12.10 27.13 -16.37
C SER E 93 -13.56 27.21 -16.84
N ASP E 94 -13.79 27.10 -18.14
CA ASP E 94 -15.13 27.06 -18.70
C ASP E 94 -15.54 25.69 -19.22
N TRP E 95 -15.36 24.65 -18.42
CA TRP E 95 -15.81 23.32 -18.79
C TRP E 95 -16.78 23.05 -17.73
N LYS E 96 -18.05 22.86 -18.12
CA LYS E 96 -19.06 22.39 -17.14
C LYS E 96 -19.54 21.01 -17.50
N ALA E 97 -20.17 20.35 -16.53
CA ALA E 97 -21.00 19.19 -16.79
C ALA E 97 -21.82 19.43 -18.06
N LEU E 98 -21.92 18.40 -18.88
CA LEU E 98 -22.42 18.56 -20.22
C LEU E 98 -23.88 18.16 -20.33
N GLY E 99 -24.44 17.69 -19.23
CA GLY E 99 -25.83 17.25 -19.21
C GLY E 99 -26.07 15.92 -19.89
N LYS E 100 -25.05 15.09 -20.04
CA LYS E 100 -25.13 13.92 -20.92
C LYS E 100 -24.79 12.64 -20.19
N THR E 101 -25.57 11.58 -20.38
CA THR E 101 -25.30 10.32 -19.67
C THR E 101 -24.52 9.41 -20.58
N LEU E 102 -23.42 8.91 -20.09
CA LEU E 102 -22.55 8.13 -20.92
C LEU E 102 -23.03 6.68 -20.82
N LYS E 103 -23.63 6.15 -21.89
CA LYS E 103 -24.23 4.78 -21.88
C LYS E 103 -23.25 3.70 -22.25
N SER E 104 -22.24 4.02 -23.07
CA SER E 104 -21.21 3.09 -23.43
C SER E 104 -20.04 3.83 -24.08
N VAL E 105 -18.86 3.24 -23.96
CA VAL E 105 -17.65 3.86 -24.41
C VAL E 105 -16.84 2.79 -25.10
N ASN E 106 -16.33 3.09 -26.29
CA ASN E 106 -15.54 2.14 -27.05
C ASN E 106 -14.37 2.80 -27.73
N TYR E 107 -13.20 2.20 -27.55
CA TYR E 107 -11.99 2.78 -28.06
C TYR E 107 -11.96 2.68 -29.58
N TYR E 108 -11.59 3.75 -30.25
CA TYR E 108 -11.63 3.75 -31.69
C TYR E 108 -10.32 4.06 -32.36
N GLY E 109 -9.22 4.01 -31.65
CA GLY E 109 -7.97 4.14 -32.34
C GLY E 109 -7.28 5.44 -32.08
N SER E 110 -6.00 5.48 -32.43
CA SER E 110 -5.20 6.63 -32.24
C SER E 110 -4.37 6.92 -33.49
N GLU E 111 -3.87 8.14 -33.60
CA GLU E 111 -2.99 8.57 -34.66
C GLU E 111 -1.88 9.28 -33.96
N GLN E 112 -0.65 9.00 -34.36
CA GLN E 112 0.51 9.67 -33.81
C GLN E 112 0.48 11.15 -34.13
N THR E 113 0.86 11.94 -33.14
CA THR E 113 0.94 13.37 -33.19
C THR E 113 2.41 13.67 -32.85
N LYS E 114 2.85 14.92 -32.98
CA LYS E 114 4.19 15.30 -32.51
C LYS E 114 4.57 14.76 -31.13
N LYS E 115 3.61 14.83 -30.19
CA LYS E 115 3.95 14.71 -28.78
C LYS E 115 3.40 13.58 -27.84
N GLY E 116 2.35 12.82 -28.17
CA GLY E 116 1.59 12.93 -29.40
C GLY E 116 0.78 11.70 -29.75
N TYR E 117 -0.47 11.67 -29.26
CA TYR E 117 -1.49 10.87 -29.89
C TYR E 117 -2.82 11.56 -29.85
N SER E 118 -3.50 11.57 -31.00
CA SER E 118 -4.92 11.85 -31.11
C SER E 118 -5.73 10.53 -30.96
N VAL E 119 -6.66 10.49 -30.02
CA VAL E 119 -7.44 9.30 -29.74
C VAL E 119 -8.91 9.53 -30.07
N GLU E 120 -9.59 8.46 -30.42
CA GLU E 120 -11.01 8.57 -30.67
C GLU E 120 -11.71 7.49 -29.92
N TYR E 121 -12.93 7.78 -29.47
CA TYR E 121 -13.82 6.82 -28.88
C TYR E 121 -15.20 6.97 -29.51
N LEU E 122 -15.96 5.88 -29.53
CA LEU E 122 -17.30 5.94 -29.96
C LEU E 122 -18.14 5.85 -28.69
N LEU E 123 -19.16 6.69 -28.62
CA LEU E 123 -19.85 6.91 -27.39
C LEU E 123 -21.30 6.81 -27.69
N ASN E 124 -22.03 6.26 -26.73
CA ASN E 124 -23.46 6.36 -26.72
C ASN E 124 -23.82 7.26 -25.62
N VAL E 125 -24.23 8.47 -25.99
CA VAL E 125 -24.65 9.42 -24.98
C VAL E 125 -26.15 9.65 -25.10
N SER E 126 -26.80 9.70 -23.92
CA SER E 126 -28.23 10.05 -23.87
C SER E 126 -28.56 11.27 -23.05
N VAL E 127 -29.29 12.17 -23.72
CA VAL E 127 -29.93 13.38 -23.21
C VAL E 127 -31.42 13.09 -23.01
N ASP E 128 -31.83 12.84 -21.76
CA ASP E 128 -33.24 12.59 -21.43
C ASP E 128 -33.71 11.33 -22.16
N ASN E 129 -32.88 10.30 -22.11
CA ASN E 129 -33.23 8.96 -22.62
C ASN E 129 -33.41 8.66 -24.12
N ARG E 130 -33.06 9.63 -24.98
CA ARG E 130 -32.85 9.40 -26.41
C ARG E 130 -31.35 9.32 -26.60
N SER E 131 -30.86 8.19 -27.05
CA SER E 131 -29.43 7.98 -27.24
C SER E 131 -28.98 8.35 -28.62
N LYS E 132 -27.77 8.88 -28.71
CA LYS E 132 -27.17 9.23 -29.99
C LYS E 132 -25.72 8.73 -30.05
N GLN E 134 -21.93 9.18 -30.83
CA GLN E 134 -20.99 10.23 -31.15
C GLN E 134 -19.56 9.70 -31.16
N LYS E 135 -18.70 10.38 -31.91
CA LYS E 135 -17.28 10.26 -31.77
C LYS E 135 -16.77 11.36 -30.87
N ILE E 136 -15.89 11.01 -29.93
CA ILE E 136 -15.20 12.04 -29.20
C ILE E 136 -13.72 11.91 -29.55
N THR E 137 -13.07 13.04 -29.86
CA THR E 137 -11.65 13.10 -30.18
C THR E 137 -10.94 14.06 -29.23
N PHE E 138 -9.70 13.73 -28.86
CA PHE E 138 -8.86 14.58 -28.02
C PHE E 138 -7.43 14.10 -28.06
N GLU E 139 -6.48 14.98 -27.75
CA GLU E 139 -5.07 14.59 -27.78
C GLU E 139 -4.53 14.27 -26.40
N VAL E 140 -3.52 13.43 -26.34
CA VAL E 140 -2.97 12.97 -25.04
C VAL E 140 -1.47 12.81 -25.19
N GLU E 141 -0.71 13.36 -24.24
CA GLU E 141 0.74 13.26 -24.21
C GLU E 141 1.19 12.41 -23.05
N PRO E 142 2.26 11.63 -23.28
CA PRO E 142 2.80 10.83 -22.19
C PRO E 142 3.52 11.73 -21.21
N THR E 143 3.64 11.28 -19.99
CA THR E 143 4.16 12.00 -18.85
C THR E 143 5.17 11.05 -18.22
N LYS E 144 6.02 11.56 -17.32
CA LYS E 144 7.01 10.74 -16.57
C LYS E 144 6.32 9.54 -15.90
N ASN E 145 5.97 8.54 -16.71
CA ASN E 145 4.98 7.52 -16.30
C ASN E 145 3.56 8.10 -16.11
N GLY E 146 2.66 7.75 -17.03
CA GLY E 146 1.32 8.31 -17.08
C GLY E 146 1.10 9.10 -18.36
N PHE E 147 -0.09 9.72 -18.44
CA PHE E 147 -0.55 10.49 -19.60
C PHE E 147 -1.34 11.69 -19.14
N LEU E 148 -1.47 12.67 -20.04
CA LEU E 148 -2.25 13.87 -19.80
C LEU E 148 -3.04 14.25 -21.08
N VAL E 149 -4.29 14.68 -20.91
CA VAL E 149 -5.09 15.21 -22.01
C VAL E 149 -4.59 16.63 -22.32
N THR E 150 -4.44 16.98 -23.61
CA THR E 150 -3.84 18.25 -24.01
C THR E 150 -4.66 19.09 -25.00
N THR E 151 -5.87 18.65 -25.36
CA THR E 151 -6.79 19.55 -26.09
C THR E 151 -8.19 19.37 -25.49
N GLN E 152 -9.09 20.33 -25.72
CA GLN E 152 -10.46 20.19 -25.34
C GLN E 152 -11.11 19.12 -26.24
N PRO E 153 -11.82 18.17 -25.66
CA PRO E 153 -12.39 17.14 -26.52
C PRO E 153 -13.41 17.71 -27.55
N LYS E 154 -13.39 17.21 -28.78
CA LYS E 154 -14.44 17.51 -29.73
C LYS E 154 -15.44 16.36 -29.83
N LEU E 155 -16.70 16.71 -29.69
CA LEU E 155 -17.73 15.73 -29.77
C LEU E 155 -18.45 15.94 -31.12
N THR E 156 -18.50 14.90 -31.94
CA THR E 156 -19.06 15.02 -33.29
C THR E 156 -20.00 13.85 -33.59
N ASP E 157 -21.12 14.16 -34.27
CA ASP E 157 -22.06 13.17 -34.78
C ASP E 157 -21.31 12.22 -35.70
N PHE E 158 -21.75 10.97 -35.67
CA PHE E 158 -21.06 9.86 -36.28
C PHE E 158 -22.03 8.76 -36.67
N SER E 159 -21.74 8.09 -37.79
CA SER E 159 -22.41 6.83 -38.11
C SER E 159 -21.47 5.94 -38.88
N PHE E 160 -21.79 4.64 -38.91
CA PHE E 160 -20.90 3.67 -39.53
C PHE E 160 -20.91 3.65 -41.04
N ASN E 161 -22.05 3.94 -41.63
CA ASN E 161 -22.22 3.79 -43.06
C ASN E 161 -23.30 4.80 -43.42
N SER F 53 -8.16 0.13 -36.02
CA SER F 53 -8.27 -1.00 -36.99
C SER F 53 -8.80 -2.30 -36.34
N GLN F 54 -8.06 -2.91 -35.39
CA GLN F 54 -8.65 -3.98 -34.55
C GLN F 54 -9.72 -3.31 -33.69
N SER F 55 -9.44 -2.08 -33.28
CA SER F 55 -10.34 -1.27 -32.50
C SER F 55 -11.60 -1.00 -33.25
N LYS F 56 -11.47 -0.59 -34.50
CA LYS F 56 -12.62 -0.20 -35.30
C LYS F 56 -13.54 -1.37 -35.59
N ILE F 57 -12.97 -2.49 -35.97
CA ILE F 57 -13.76 -3.68 -36.23
C ILE F 57 -14.43 -4.19 -34.93
N ASP F 58 -13.68 -4.20 -33.84
CA ASP F 58 -14.16 -4.55 -32.53
C ASP F 58 -15.38 -3.72 -32.15
N THR F 59 -15.26 -2.41 -32.24
CA THR F 59 -16.32 -1.48 -31.87
C THR F 59 -17.55 -1.68 -32.74
N PHE F 60 -17.32 -1.84 -34.05
CA PHE F 60 -18.40 -2.03 -34.97
C PHE F 60 -19.19 -3.29 -34.59
N GLY F 61 -18.48 -4.40 -34.38
CA GLY F 61 -19.15 -5.60 -33.94
C GLY F 61 -19.96 -5.43 -32.67
N ARG F 62 -19.44 -4.70 -31.70
CA ARG F 62 -20.21 -4.50 -30.45
C ARG F 62 -21.51 -3.74 -30.74
N TYR F 63 -21.42 -2.76 -31.62
CA TYR F 63 -22.65 -2.07 -31.97
C TYR F 63 -23.63 -2.98 -32.67
N PHE F 64 -23.15 -3.73 -33.65
CA PHE F 64 -24.07 -4.73 -34.26
C PHE F 64 -24.71 -5.66 -33.22
N LEU F 65 -23.94 -6.10 -32.22
CA LEU F 65 -24.42 -7.13 -31.31
C LEU F 65 -25.57 -6.58 -30.44
N THR F 66 -25.48 -5.31 -30.09
CA THR F 66 -26.55 -4.61 -29.45
C THR F 66 -27.87 -4.77 -30.20
N TYR F 67 -27.85 -4.58 -31.51
CA TYR F 67 -29.06 -4.70 -32.28
C TYR F 67 -29.43 -6.15 -32.60
N TYR F 68 -28.42 -6.96 -32.86
CA TYR F 68 -28.63 -8.37 -33.08
C TYR F 68 -29.29 -9.02 -31.91
N PHE F 69 -28.87 -8.66 -30.71
CA PHE F 69 -29.38 -9.27 -29.50
C PHE F 69 -30.57 -8.50 -28.87
N SER F 70 -31.05 -7.48 -29.59
CA SER F 70 -32.22 -6.73 -29.19
C SER F 70 -33.42 -7.63 -29.00
N GLN F 71 -34.28 -7.24 -28.09
CA GLN F 71 -35.42 -8.06 -27.67
C GLN F 71 -36.70 -7.65 -28.37
N GLU F 72 -36.61 -6.62 -29.20
CA GLU F 72 -37.69 -6.17 -30.04
C GLU F 72 -38.57 -7.27 -30.61
N LYS F 73 -39.84 -7.29 -30.19
CA LYS F 73 -40.71 -8.37 -30.54
C LYS F 73 -41.30 -8.28 -31.95
N ASN F 74 -41.50 -7.06 -32.42
CA ASN F 74 -41.84 -6.89 -33.82
C ASN F 74 -40.69 -7.17 -34.78
N GLN F 75 -40.87 -8.23 -35.53
CA GLN F 75 -39.90 -8.71 -36.48
C GLN F 75 -39.46 -7.69 -37.52
N GLU F 76 -40.38 -6.86 -37.99
CA GLU F 76 -40.04 -5.84 -38.98
C GLU F 76 -39.13 -4.82 -38.36
N ASN F 77 -39.47 -4.34 -37.17
CA ASN F 77 -38.63 -3.37 -36.51
C ASN F 77 -37.27 -3.96 -36.08
N TYR F 78 -37.22 -5.23 -35.70
CA TYR F 78 -35.99 -5.85 -35.31
C TYR F 78 -35.00 -5.86 -36.53
N GLN F 79 -35.51 -6.31 -37.68
CA GLN F 79 -34.78 -6.26 -38.92
C GLN F 79 -34.47 -4.84 -39.32
N SER F 80 -35.42 -3.97 -39.17
CA SER F 80 -35.18 -2.61 -39.56
C SER F 80 -34.10 -1.96 -38.71
N SER F 81 -34.00 -2.31 -37.44
CA SER F 81 -32.98 -1.68 -36.60
C SER F 81 -31.56 -2.23 -36.86
N LEU F 82 -31.43 -3.44 -37.41
CA LEU F 82 -30.09 -3.84 -37.73
C LEU F 82 -29.67 -3.72 -39.16
N ARG F 83 -30.61 -3.27 -40.00
CA ARG F 83 -30.43 -3.19 -41.42
C ARG F 83 -29.12 -2.54 -41.86
N THR F 84 -28.77 -1.40 -41.26
CA THR F 84 -27.60 -0.66 -41.69
C THR F 84 -26.32 -1.35 -41.37
N TYR F 85 -26.33 -2.29 -40.41
CA TYR F 85 -25.14 -3.09 -40.06
C TYR F 85 -24.84 -4.23 -40.98
N VAL F 86 -25.87 -4.73 -41.65
CA VAL F 86 -25.75 -5.98 -42.40
C VAL F 86 -25.78 -5.71 -43.90
N SER F 87 -24.79 -6.24 -44.61
CA SER F 87 -24.73 -6.12 -46.09
C SER F 87 -26.01 -6.58 -46.78
N GLU F 88 -26.38 -5.90 -47.86
CA GLU F 88 -27.51 -6.30 -48.69
C GLU F 88 -27.39 -7.67 -49.32
N LYS F 89 -26.19 -8.21 -49.41
CA LYS F 89 -26.04 -9.59 -49.90
C LYS F 89 -26.55 -10.57 -48.87
N VAL F 90 -27.00 -10.08 -47.72
CA VAL F 90 -27.52 -11.03 -46.75
C VAL F 90 -29.00 -10.86 -46.62
N ASP F 91 -29.66 -11.99 -46.55
CA ASP F 91 -31.08 -11.98 -46.45
C ASP F 91 -31.48 -12.12 -44.99
N ILE F 92 -32.00 -11.03 -44.45
CA ILE F 92 -32.33 -10.98 -43.04
C ILE F 92 -33.82 -11.18 -42.87
N SER F 93 -34.49 -11.67 -43.90
CA SER F 93 -35.96 -11.75 -43.89
C SER F 93 -36.53 -12.68 -42.79
N ASP F 94 -35.77 -13.71 -42.44
CA ASP F 94 -36.12 -14.63 -41.35
C ASP F 94 -35.43 -14.36 -39.98
N TRP F 95 -34.60 -13.33 -39.85
CA TRP F 95 -33.94 -13.11 -38.57
C TRP F 95 -34.96 -12.56 -37.67
N LYS F 96 -35.09 -13.14 -36.49
CA LYS F 96 -35.87 -12.49 -35.42
C LYS F 96 -35.16 -12.44 -34.07
N ALA F 97 -35.68 -11.59 -33.19
CA ALA F 97 -35.28 -11.54 -31.79
C ALA F 97 -35.03 -12.94 -31.26
N LEU F 98 -33.89 -13.15 -30.63
CA LEU F 98 -33.50 -14.48 -30.25
C LEU F 98 -34.01 -14.87 -28.86
N GLY F 99 -34.60 -13.96 -28.11
CA GLY F 99 -35.02 -14.25 -26.74
C GLY F 99 -33.86 -14.47 -25.76
N LYS F 100 -32.69 -13.94 -26.09
CA LYS F 100 -31.52 -14.07 -25.25
C LYS F 100 -31.13 -12.69 -24.72
N THR F 101 -30.76 -12.60 -23.44
CA THR F 101 -30.29 -11.32 -22.89
C THR F 101 -28.75 -11.27 -22.85
N LEU F 102 -28.20 -10.21 -23.39
CA LEU F 102 -26.79 -10.08 -23.48
C LEU F 102 -26.31 -9.46 -22.18
N LYS F 103 -25.56 -10.21 -21.39
CA LYS F 103 -25.03 -9.67 -20.13
C LYS F 103 -23.61 -9.11 -20.26
N SER F 104 -22.79 -9.66 -21.15
CA SER F 104 -21.47 -9.10 -21.33
C SER F 104 -20.92 -9.46 -22.68
N VAL F 105 -20.00 -8.65 -23.17
CA VAL F 105 -19.54 -8.80 -24.52
C VAL F 105 -18.08 -8.51 -24.42
N ASN F 106 -17.27 -9.44 -24.89
CA ASN F 106 -15.82 -9.24 -24.94
C ASN F 106 -15.31 -9.66 -26.29
N TYR F 107 -14.47 -8.83 -26.87
CA TYR F 107 -13.98 -9.06 -28.19
C TYR F 107 -12.99 -10.16 -28.16
N TYR F 108 -13.04 -11.04 -29.16
CA TYR F 108 -12.23 -12.22 -29.10
C TYR F 108 -11.32 -12.40 -30.30
N GLY F 109 -11.08 -11.35 -31.07
CA GLY F 109 -10.13 -11.43 -32.17
C GLY F 109 -10.75 -11.63 -33.55
N SER F 110 -9.95 -11.33 -34.55
CA SER F 110 -10.36 -11.50 -35.92
C SER F 110 -9.36 -12.35 -36.67
N GLU F 111 -9.82 -12.91 -37.78
CA GLU F 111 -9.10 -13.81 -38.64
C GLU F 111 -9.39 -13.27 -40.03
N GLN F 112 -8.36 -13.03 -40.82
CA GLN F 112 -8.61 -12.58 -42.17
C GLN F 112 -9.33 -13.64 -43.05
N THR F 113 -10.25 -13.17 -43.90
CA THR F 113 -10.88 -14.01 -44.95
C THR F 113 -10.54 -13.48 -46.33
N LYS F 114 -11.01 -14.20 -47.35
CA LYS F 114 -10.87 -13.80 -48.76
C LYS F 114 -11.31 -12.36 -48.95
N LYS F 115 -12.43 -11.95 -48.35
CA LYS F 115 -12.97 -10.61 -48.60
C LYS F 115 -13.06 -9.70 -47.40
N GLY F 116 -12.87 -10.25 -46.21
CA GLY F 116 -12.89 -9.40 -45.02
C GLY F 116 -12.26 -10.08 -43.82
N TYR F 117 -13.06 -10.13 -42.76
CA TYR F 117 -12.63 -10.69 -41.52
C TYR F 117 -13.69 -11.51 -40.95
N SER F 118 -13.28 -12.57 -40.27
CA SER F 118 -14.16 -13.29 -39.41
C SER F 118 -13.86 -12.84 -37.97
N VAL F 119 -14.88 -12.37 -37.24
CA VAL F 119 -14.65 -11.83 -35.90
C VAL F 119 -15.31 -12.70 -34.86
N GLU F 120 -14.78 -12.70 -33.65
CA GLU F 120 -15.38 -13.50 -32.60
C GLU F 120 -15.53 -12.66 -31.38
N TYR F 121 -16.57 -12.93 -30.59
CA TYR F 121 -16.79 -12.32 -29.29
C TYR F 121 -17.21 -13.41 -28.31
N LEU F 122 -16.81 -13.27 -27.04
CA LEU F 122 -17.36 -14.13 -26.00
C LEU F 122 -18.51 -13.40 -25.29
N LEU F 123 -19.63 -14.07 -25.10
CA LEU F 123 -20.79 -13.49 -24.49
C LEU F 123 -21.18 -14.27 -23.25
N ASN F 124 -21.77 -13.57 -22.31
CA ASN F 124 -22.60 -14.20 -21.29
C ASN F 124 -23.98 -13.91 -21.80
N VAL F 125 -24.73 -14.99 -22.03
CA VAL F 125 -26.05 -14.92 -22.58
C VAL F 125 -26.92 -15.45 -21.47
N SER F 126 -28.07 -14.82 -21.29
CA SER F 126 -29.00 -15.28 -20.28
C SER F 126 -30.41 -15.51 -20.79
N VAL F 127 -30.88 -16.73 -20.63
CA VAL F 127 -32.21 -17.12 -21.06
C VAL F 127 -33.32 -16.58 -20.11
N ASP F 128 -33.09 -16.64 -18.79
CA ASP F 128 -34.13 -16.33 -17.80
C ASP F 128 -33.56 -16.19 -16.39
N ASN F 129 -32.23 -16.21 -16.31
CA ASN F 129 -31.43 -16.32 -15.07
C ASN F 129 -30.70 -17.65 -15.00
N ARG F 130 -30.36 -18.18 -16.17
CA ARG F 130 -29.38 -19.25 -16.29
C ARG F 130 -28.38 -18.75 -17.34
N SER F 131 -27.25 -18.20 -16.87
CA SER F 131 -26.19 -17.64 -17.71
C SER F 131 -25.28 -18.72 -18.28
N LYS F 132 -25.01 -18.67 -19.56
CA LYS F 132 -23.85 -19.43 -20.00
C LYS F 132 -22.97 -18.60 -20.89
N GLN F 134 -21.11 -18.11 -24.26
CA GLN F 134 -21.15 -18.46 -25.67
C GLN F 134 -20.07 -17.73 -26.47
N LYS F 135 -19.63 -18.35 -27.56
CA LYS F 135 -18.94 -17.64 -28.62
C LYS F 135 -19.90 -17.29 -29.73
N ILE F 136 -19.73 -16.10 -30.29
CA ILE F 136 -20.41 -15.73 -31.51
C ILE F 136 -19.39 -15.37 -32.58
N THR F 137 -19.61 -15.88 -33.79
CA THR F 137 -18.70 -15.67 -34.92
C THR F 137 -19.55 -15.12 -36.08
N PHE F 138 -18.99 -14.19 -36.85
CA PHE F 138 -19.65 -13.67 -38.05
C PHE F 138 -18.65 -12.93 -38.89
N GLU F 139 -18.95 -12.74 -40.17
CA GLU F 139 -17.97 -12.10 -41.02
C GLU F 139 -18.34 -10.68 -41.30
N VAL F 140 -17.32 -9.88 -41.57
CA VAL F 140 -17.56 -8.50 -41.93
C VAL F 140 -16.75 -8.18 -43.17
N GLU F 141 -17.16 -7.12 -43.85
CA GLU F 141 -16.43 -6.59 -44.96
C GLU F 141 -16.28 -5.13 -44.79
N PRO F 142 -15.08 -4.64 -45.11
CA PRO F 142 -14.89 -3.18 -45.09
C PRO F 142 -15.69 -2.53 -46.21
N THR F 143 -16.12 -1.31 -45.98
CA THR F 143 -16.79 -0.48 -46.97
C THR F 143 -15.99 0.79 -46.90
N LYS F 144 -16.16 1.69 -47.87
CA LYS F 144 -15.46 2.99 -47.86
C LYS F 144 -15.48 3.60 -46.44
N ASN F 145 -16.70 3.77 -45.91
CA ASN F 145 -16.89 4.31 -44.57
C ASN F 145 -16.31 3.37 -43.50
N GLY F 146 -17.06 2.32 -43.18
CA GLY F 146 -16.65 1.38 -42.14
C GLY F 146 -16.80 -0.08 -42.51
N PHE F 147 -17.93 -0.68 -42.12
CA PHE F 147 -18.09 -2.14 -42.19
C PHE F 147 -19.51 -2.57 -42.38
N LEU F 148 -19.68 -3.80 -42.88
CA LEU F 148 -20.95 -4.43 -42.98
C LEU F 148 -20.76 -5.89 -42.59
N VAL F 149 -21.72 -6.44 -41.84
CA VAL F 149 -21.78 -7.86 -41.54
C VAL F 149 -22.18 -8.66 -42.82
N THR F 150 -21.50 -9.80 -43.07
CA THR F 150 -21.78 -10.53 -44.28
C THR F 150 -22.13 -12.01 -44.15
N THR F 151 -22.37 -12.49 -42.93
CA THR F 151 -22.92 -13.81 -42.73
C THR F 151 -23.85 -13.75 -41.53
N GLN F 152 -24.69 -14.77 -41.38
CA GLN F 152 -25.52 -14.85 -40.20
C GLN F 152 -24.62 -15.31 -39.04
N PRO F 153 -24.69 -14.62 -37.89
CA PRO F 153 -23.78 -15.03 -36.81
C PRO F 153 -24.06 -16.46 -36.29
N LYS F 154 -23.02 -17.17 -35.89
CA LYS F 154 -23.19 -18.49 -35.32
C LYS F 154 -22.79 -18.46 -33.85
N LEU F 155 -23.73 -18.86 -33.02
CA LEU F 155 -23.53 -19.04 -31.60
C LEU F 155 -23.08 -20.46 -31.30
N THR F 156 -22.13 -20.63 -30.38
CA THR F 156 -21.64 -21.96 -30.01
C THR F 156 -21.26 -21.91 -28.54
N ASP F 157 -21.51 -23.03 -27.83
CA ASP F 157 -21.05 -23.26 -26.49
C ASP F 157 -19.54 -23.08 -26.42
N PHE F 158 -19.05 -22.63 -25.27
CA PHE F 158 -17.70 -22.25 -25.17
C PHE F 158 -17.16 -22.43 -23.75
N SER F 159 -15.90 -22.86 -23.67
CA SER F 159 -15.17 -22.78 -22.42
C SER F 159 -13.68 -22.59 -22.73
N PHE F 160 -12.91 -22.20 -21.68
CA PHE F 160 -11.49 -22.02 -21.81
C PHE F 160 -10.75 -23.35 -21.63
N ASN F 161 -11.56 -24.40 -21.42
CA ASN F 161 -11.20 -25.79 -21.11
C ASN F 161 -11.64 -26.15 -19.71
#